data_2Z0B
#
_entry.id   2Z0B
#
_cell.length_a   111.040
_cell.length_b   111.040
_cell.length_c   77.385
_cell.angle_alpha   90.00
_cell.angle_beta   90.00
_cell.angle_gamma   120.00
#
_symmetry.space_group_name_H-M   'P 31'
#
loop_
_entity.id
_entity.type
_entity.pdbx_description
1 polymer 'Putative glycerophosphodiester phosphodiesterase 5'
2 non-polymer 'PHOSPHATE ION'
3 water water
#
_entity_poly.entity_id   1
_entity_poly.type   'polypeptide(L)'
_entity_poly.pdbx_seq_one_letter_code
;GSSGSSGPSQVAFEIRGTLLPGEVFAICGSCDALGNWNPQNAVALLPENDTGES(MSE)LWKATIVLSRGVSVQYRYFKG
YFLEPKTIGGPCQVIVHKWETHLQPRSITPLESEIIIDDGQFGIHNGVESGPSSG
;
_entity_poly.pdbx_strand_id   A,B,C,D,E,F
#
# COMPACT_ATOMS: atom_id res chain seq x y z
N SER A 6 3.42 39.12 -15.05
CA SER A 6 4.22 37.91 -14.69
C SER A 6 3.84 36.70 -15.57
N GLY A 7 4.72 36.40 -16.53
CA GLY A 7 4.50 35.29 -17.46
C GLY A 7 4.83 33.94 -16.81
N PRO A 8 3.80 33.08 -16.63
CA PRO A 8 3.78 31.78 -15.95
C PRO A 8 5.09 30.99 -15.94
N SER A 9 5.28 30.20 -14.88
CA SER A 9 6.48 29.38 -14.73
C SER A 9 6.15 27.89 -14.82
N GLN A 10 6.78 27.19 -15.78
CA GLN A 10 6.62 25.75 -15.93
C GLN A 10 7.64 25.05 -15.05
N VAL A 11 7.13 24.30 -14.07
CA VAL A 11 7.99 23.65 -13.09
C VAL A 11 7.85 22.13 -13.18
N ALA A 12 8.97 21.45 -13.34
CA ALA A 12 8.99 20.00 -13.28
C ALA A 12 9.42 19.60 -11.87
N PHE A 13 8.53 18.91 -11.17
CA PHE A 13 8.80 18.37 -9.84
C PHE A 13 9.12 16.89 -9.99
N GLU A 14 10.23 16.45 -9.41
CA GLU A 14 10.63 15.04 -9.50
C GLU A 14 10.95 14.44 -8.13
N ILE A 15 10.64 13.15 -8.01
CA ILE A 15 10.88 12.39 -6.79
C ILE A 15 11.02 10.91 -7.15
N ARG A 16 11.78 10.17 -6.33
CA ARG A 16 12.02 8.74 -6.54
C ARG A 16 11.52 7.92 -5.36
N GLY A 17 11.10 6.69 -5.63
CA GLY A 17 10.68 5.77 -4.57
C GLY A 17 9.94 4.55 -5.07
N THR A 18 9.68 3.63 -4.15
CA THR A 18 8.97 2.39 -4.46
C THR A 18 7.47 2.60 -4.34
N LEU A 19 6.70 1.76 -5.03
CA LEU A 19 5.24 1.85 -5.01
C LEU A 19 4.59 0.47 -4.99
N LEU A 20 3.41 0.38 -4.39
CA LEU A 20 2.63 -0.83 -4.36
C LEU A 20 1.84 -0.96 -5.67
N PRO A 21 1.34 -2.18 -6.01
CA PRO A 21 0.54 -2.34 -7.23
C PRO A 21 -0.62 -1.34 -7.30
N GLY A 22 -0.75 -0.64 -8.42
CA GLY A 22 -1.81 0.35 -8.60
C GLY A 22 -1.55 1.72 -7.95
N GLU A 23 -0.45 1.82 -7.22
CA GLU A 23 -0.09 3.05 -6.51
C GLU A 23 0.79 3.96 -7.36
N VAL A 24 0.65 5.27 -7.17
CA VAL A 24 1.45 6.26 -7.89
C VAL A 24 1.95 7.34 -6.93
N PHE A 25 2.90 8.15 -7.38
CA PHE A 25 3.31 9.34 -6.65
C PHE A 25 2.41 10.50 -7.08
N ALA A 26 2.15 11.41 -6.13
CA ALA A 26 1.34 12.60 -6.38
C ALA A 26 1.90 13.80 -5.62
N ILE A 27 1.64 14.98 -6.16
CA ILE A 27 2.05 16.22 -5.53
C ILE A 27 0.82 17.04 -5.14
N CYS A 28 0.82 17.57 -3.92
CA CYS A 28 -0.32 18.32 -3.40
C CYS A 28 0.23 19.52 -2.64
N GLY A 29 -0.46 20.66 -2.74
CA GLY A 29 0.06 21.90 -2.16
C GLY A 29 -0.87 23.09 -2.04
N SER A 30 -0.28 24.23 -1.68
CA SER A 30 -0.98 25.46 -1.26
C SER A 30 -1.60 26.38 -2.34
N CYS A 31 -1.73 25.91 -3.57
CA CYS A 31 -2.32 26.72 -4.64
C CYS A 31 -3.28 25.88 -5.46
N ASP A 32 -4.03 26.52 -6.36
CA ASP A 32 -5.00 25.82 -7.23
C ASP A 32 -4.40 24.68 -8.03
N ALA A 33 -3.29 24.95 -8.71
CA ALA A 33 -2.61 23.98 -9.58
C ALA A 33 -2.16 22.73 -8.82
N LEU A 34 -1.97 22.87 -7.52
CA LEU A 34 -1.56 21.76 -6.66
C LEU A 34 -2.71 21.24 -5.77
N GLY A 35 -3.92 21.77 -5.99
CA GLY A 35 -5.11 21.30 -5.30
C GLY A 35 -5.45 21.84 -3.91
N ASN A 36 -4.81 22.93 -3.50
CA ASN A 36 -5.09 23.59 -2.20
C ASN A 36 -5.07 22.67 -0.97
N TRP A 37 -4.09 21.77 -0.93
CA TRP A 37 -3.93 20.75 0.15
C TRP A 37 -5.01 19.65 0.17
N ASN A 38 -5.92 19.68 -0.79
CA ASN A 38 -6.95 18.64 -0.94
C ASN A 38 -6.48 17.56 -1.93
N PRO A 39 -6.14 16.36 -1.42
CA PRO A 39 -5.61 15.28 -2.26
C PRO A 39 -6.52 14.90 -3.42
N GLN A 40 -7.84 15.15 -3.29
CA GLN A 40 -8.79 14.87 -4.37
C GLN A 40 -8.42 15.66 -5.63
N ASN A 41 -7.81 16.83 -5.45
CA ASN A 41 -7.35 17.68 -6.56
C ASN A 41 -5.84 17.73 -6.73
N ALA A 42 -5.16 16.73 -6.18
CA ALA A 42 -3.71 16.64 -6.30
C ALA A 42 -3.34 16.25 -7.73
N VAL A 43 -2.07 16.40 -8.08
CA VAL A 43 -1.60 16.04 -9.41
C VAL A 43 -0.76 14.77 -9.33
N ALA A 44 -1.17 13.74 -10.06
CA ALA A 44 -0.43 12.49 -10.13
C ALA A 44 0.83 12.68 -10.98
N LEU A 45 1.96 12.17 -10.49
CA LEU A 45 3.18 12.18 -11.28
C LEU A 45 3.12 11.04 -12.28
N LEU A 46 4.03 11.08 -13.25
CA LEU A 46 4.16 10.02 -14.25
C LEU A 46 5.62 9.53 -14.21
N PRO A 47 5.86 8.26 -14.56
CA PRO A 47 7.24 7.78 -14.61
C PRO A 47 8.09 8.60 -15.59
N GLU A 48 9.31 8.94 -15.20
CA GLU A 48 10.23 9.68 -16.05
C GLU A 48 11.40 8.78 -16.46
N ASN A 49 11.49 8.52 -17.77
CA ASN A 49 12.47 7.58 -18.32
C ASN A 49 13.57 8.20 -19.19
N ASP A 50 13.53 9.53 -19.35
CA ASP A 50 14.49 10.21 -20.24
C ASP A 50 15.94 10.25 -19.75
N THR A 51 16.17 9.93 -18.48
CA THR A 51 17.54 9.88 -17.93
C THR A 51 17.99 8.44 -17.61
N GLY A 52 17.13 7.48 -17.91
CA GLY A 52 17.45 6.06 -17.73
C GLY A 52 17.40 5.57 -16.30
N GLU A 53 16.73 6.32 -15.42
CA GLU A 53 16.57 5.91 -14.02
C GLU A 53 15.50 4.82 -13.88
N SER A 54 15.52 4.13 -12.74
CA SER A 54 14.62 3.01 -12.51
C SER A 54 13.34 3.35 -11.77
N LEU A 56 12.16 6.95 -11.12
CA LEU A 56 11.94 8.39 -11.16
C LEU A 56 10.54 8.72 -11.68
N TRP A 57 9.89 9.64 -10.97
CA TRP A 57 8.56 10.13 -11.32
C TRP A 57 8.62 11.65 -11.45
N LYS A 58 7.79 12.20 -12.34
CA LYS A 58 7.75 13.63 -12.60
C LYS A 58 6.35 14.19 -12.86
N ALA A 59 6.14 15.45 -12.46
CA ALA A 59 4.94 16.19 -12.79
C ALA A 59 5.35 17.60 -13.22
N THR A 60 4.82 18.04 -14.35
CA THR A 60 5.06 19.39 -14.84
C THR A 60 3.85 20.24 -14.50
N ILE A 61 4.08 21.32 -13.77
CA ILE A 61 3.02 22.19 -13.24
C ILE A 61 3.30 23.65 -13.59
N VAL A 62 2.26 24.37 -13.98
CA VAL A 62 2.37 25.80 -14.25
C VAL A 62 2.03 26.56 -12.96
N LEU A 63 2.98 27.38 -12.51
CA LEU A 63 2.82 28.19 -11.30
C LEU A 63 3.07 29.66 -11.64
N SER A 64 2.53 30.57 -10.84
CA SER A 64 2.74 31.99 -11.06
C SER A 64 4.12 32.39 -10.55
N ARG A 65 4.85 33.14 -11.37
CA ARG A 65 6.15 33.70 -11.01
C ARG A 65 6.05 34.57 -9.76
N GLY A 66 7.01 34.41 -8.85
CA GLY A 66 7.11 35.22 -7.65
C GLY A 66 6.15 34.87 -6.53
N VAL A 67 5.33 33.85 -6.73
CA VAL A 67 4.36 33.43 -5.71
C VAL A 67 4.90 32.19 -5.00
N SER A 68 5.10 32.30 -3.69
CA SER A 68 5.58 31.20 -2.86
C SER A 68 4.52 30.11 -2.72
N VAL A 69 4.95 28.86 -2.93
CA VAL A 69 4.06 27.70 -2.90
C VAL A 69 4.69 26.62 -2.02
N GLN A 70 3.88 26.05 -1.12
CA GLN A 70 4.30 24.92 -0.30
C GLN A 70 3.62 23.65 -0.82
N TYR A 71 4.32 22.53 -0.70
CA TYR A 71 3.83 21.27 -1.25
C TYR A 71 4.46 20.06 -0.57
N ARG A 72 3.81 18.91 -0.74
CA ARG A 72 4.30 17.63 -0.26
C ARG A 72 3.98 16.56 -1.28
N TYR A 73 4.82 15.52 -1.31
CA TYR A 73 4.52 14.36 -2.13
C TYR A 73 3.77 13.36 -1.28
N PHE A 74 2.91 12.59 -1.95
CA PHE A 74 2.31 11.44 -1.31
C PHE A 74 2.28 10.29 -2.30
N LYS A 75 2.10 9.10 -1.75
CA LYS A 75 1.90 7.91 -2.56
C LYS A 75 0.46 7.48 -2.28
N GLY A 76 -0.29 7.24 -3.34
CA GLY A 76 -1.68 6.89 -3.20
C GLY A 76 -2.32 6.35 -4.46
N TYR A 77 -3.64 6.31 -4.44
CA TYR A 77 -4.42 5.68 -5.50
C TYR A 77 -5.38 6.66 -6.14
N PHE A 78 -5.41 6.67 -7.47
CA PHE A 78 -6.35 7.47 -8.24
C PHE A 78 -7.34 6.52 -8.89
N LEU A 79 -8.52 6.39 -8.28
CA LEU A 79 -9.54 5.44 -8.70
C LEU A 79 -10.71 6.11 -9.42
N GLU A 80 -11.53 5.29 -10.07
CA GLU A 80 -12.74 5.76 -10.75
C GLU A 80 -13.91 5.81 -9.75
N PRO A 81 -14.93 6.66 -10.01
CA PRO A 81 -16.11 6.77 -9.11
C PRO A 81 -16.86 5.46 -8.89
N LYS A 82 -17.45 5.31 -7.71
CA LYS A 82 -18.23 4.12 -7.37
C LYS A 82 -19.62 4.14 -8.02
N THR A 83 -20.14 5.35 -8.24
CA THR A 83 -21.43 5.56 -8.87
C THR A 83 -21.32 6.48 -10.08
N CYS A 88 -14.53 11.05 -8.90
CA CYS A 88 -13.26 10.37 -8.69
C CYS A 88 -12.94 10.16 -7.21
N GLN A 89 -11.96 9.29 -6.96
CA GLN A 89 -11.53 8.97 -5.60
C GLN A 89 -10.01 8.97 -5.54
N VAL A 90 -9.47 9.79 -4.64
CA VAL A 90 -8.02 9.80 -4.41
C VAL A 90 -7.82 9.36 -2.96
N ILE A 91 -7.08 8.26 -2.80
CA ILE A 91 -6.81 7.73 -1.48
C ILE A 91 -5.31 7.79 -1.24
N VAL A 92 -4.94 8.58 -0.25
CA VAL A 92 -3.55 8.73 0.16
C VAL A 92 -3.19 7.53 1.03
N HIS A 93 -2.11 6.85 0.67
CA HIS A 93 -1.58 5.80 1.51
C HIS A 93 -0.63 6.41 2.52
N LYS A 94 0.30 7.24 2.03
CA LYS A 94 1.36 7.78 2.86
C LYS A 94 1.86 9.15 2.36
N TRP A 95 1.84 10.14 3.24
CA TRP A 95 2.45 11.44 2.97
C TRP A 95 3.93 11.31 3.32
N GLU A 96 4.76 12.14 2.69
CA GLU A 96 6.21 12.14 2.94
C GLU A 96 6.63 12.14 4.41
N THR A 97 7.73 11.45 4.69
CA THR A 97 8.24 11.23 6.06
C THR A 97 8.56 12.51 6.88
N HIS A 98 9.08 12.30 8.09
CA HIS A 98 9.42 13.37 9.03
C HIS A 98 10.26 14.52 8.47
N LEU A 99 9.60 15.38 7.70
CA LEU A 99 10.21 16.58 7.14
C LEU A 99 9.19 17.69 6.96
N GLN A 100 9.64 18.94 7.08
CA GLN A 100 8.79 20.12 6.90
C GLN A 100 8.19 20.15 5.49
N PRO A 101 7.02 20.79 5.31
CA PRO A 101 6.49 20.91 3.95
C PRO A 101 7.51 21.61 3.05
N ARG A 102 7.64 21.12 1.83
CA ARG A 102 8.57 21.66 0.85
C ARG A 102 8.04 23.01 0.34
N SER A 103 8.94 23.85 -0.18
CA SER A 103 8.56 25.18 -0.64
C SER A 103 9.34 25.64 -1.87
N ILE A 104 8.69 26.45 -2.70
CA ILE A 104 9.32 27.05 -3.89
C ILE A 104 8.73 28.44 -4.17
N THR A 105 9.59 29.34 -4.61
CA THR A 105 9.18 30.64 -5.10
C THR A 105 9.78 30.70 -6.51
N PRO A 106 8.97 30.37 -7.54
CA PRO A 106 9.48 30.28 -8.91
C PRO A 106 9.79 31.65 -9.50
N LEU A 107 10.98 31.79 -10.08
CA LEU A 107 11.42 33.07 -10.63
C LEU A 107 11.72 33.00 -12.14
N GLU A 108 12.11 31.82 -12.61
CA GLU A 108 12.41 31.58 -14.02
C GLU A 108 11.19 31.01 -14.76
N SER A 109 11.26 31.05 -16.10
CA SER A 109 10.20 30.54 -16.97
C SER A 109 10.10 29.02 -16.96
N GLU A 110 11.27 28.38 -16.83
CA GLU A 110 11.39 26.92 -16.81
C GLU A 110 12.25 26.53 -15.61
N ILE A 111 11.75 25.58 -14.82
CA ILE A 111 12.46 25.13 -13.61
C ILE A 111 12.31 23.62 -13.43
N ILE A 112 13.41 22.97 -13.05
CA ILE A 112 13.35 21.55 -12.68
C ILE A 112 13.73 21.46 -11.22
N ILE A 113 12.79 20.93 -10.43
CA ILE A 113 13.00 20.71 -9.01
C ILE A 113 13.14 19.21 -8.79
N ASP A 114 14.37 18.79 -8.50
CA ASP A 114 14.64 17.39 -8.21
C ASP A 114 14.70 17.23 -6.70
N ASP A 115 13.62 16.71 -6.12
CA ASP A 115 13.52 16.55 -4.66
C ASP A 115 14.12 15.27 -4.09
N GLY A 116 14.84 14.53 -4.93
CA GLY A 116 15.58 13.34 -4.49
C GLY A 116 14.75 12.10 -4.24
N GLN A 117 14.81 11.61 -3.00
CA GLN A 117 14.09 10.40 -2.57
C GLN A 117 12.85 10.74 -1.74
N PHE A 118 11.75 10.03 -2.00
CA PHE A 118 10.50 10.23 -1.27
C PHE A 118 10.74 10.05 0.22
N GLY A 119 10.41 11.09 0.99
CA GLY A 119 10.61 11.10 2.43
C GLY A 119 11.90 11.77 2.88
N ILE A 120 12.72 12.21 1.93
CA ILE A 120 14.00 12.87 2.21
C ILE A 120 14.15 14.16 1.40
N SER B 6 -22.17 -8.60 -23.23
CA SER B 6 -20.76 -8.51 -22.71
C SER B 6 -20.38 -7.09 -22.28
N GLY B 7 -21.15 -6.10 -22.75
CA GLY B 7 -20.89 -4.70 -22.45
C GLY B 7 -21.24 -4.26 -21.04
N PRO B 8 -21.36 -2.93 -20.81
CA PRO B 8 -21.69 -2.41 -19.49
C PRO B 8 -23.19 -2.28 -19.23
N SER B 9 -23.62 -2.68 -18.03
CA SER B 9 -25.01 -2.58 -17.61
C SER B 9 -25.14 -1.61 -16.45
N GLN B 10 -25.82 -0.50 -16.70
CA GLN B 10 -26.03 0.54 -15.69
C GLN B 10 -27.25 0.17 -14.85
N VAL B 11 -26.99 -0.31 -13.63
CA VAL B 11 -28.05 -0.81 -12.76
C VAL B 11 -28.31 0.09 -11.54
N ALA B 12 -29.57 0.50 -11.40
CA ALA B 12 -29.99 1.32 -10.27
C ALA B 12 -30.69 0.47 -9.21
N PHE B 13 -30.08 0.39 -8.03
CA PHE B 13 -30.64 -0.37 -6.91
C PHE B 13 -31.38 0.57 -5.96
N GLU B 14 -32.59 0.17 -5.57
CA GLU B 14 -33.44 0.99 -4.71
C GLU B 14 -34.01 0.21 -3.52
N ILE B 15 -34.10 0.88 -2.37
CA ILE B 15 -34.69 0.30 -1.16
C ILE B 15 -35.17 1.39 -0.19
N ARG B 16 -36.18 1.07 0.61
CA ARG B 16 -36.70 1.99 1.61
C ARG B 16 -36.52 1.42 3.02
N GLY B 17 -36.59 2.28 4.03
CA GLY B 17 -36.45 1.86 5.42
C GLY B 17 -36.13 3.01 6.36
N THR B 18 -36.23 2.74 7.66
CA THR B 18 -35.97 3.74 8.70
C THR B 18 -34.49 3.78 9.10
N LEU B 19 -34.00 4.97 9.47
CA LEU B 19 -32.59 5.16 9.79
C LEU B 19 -32.34 6.15 10.94
N LEU B 20 -31.20 5.98 11.62
CA LEU B 20 -30.78 6.88 12.69
C LEU B 20 -30.14 8.14 12.07
N PRO B 21 -29.95 9.20 12.88
CA PRO B 21 -29.28 10.41 12.36
C PRO B 21 -27.94 10.13 11.66
N GLY B 22 -27.84 10.56 10.40
CA GLY B 22 -26.62 10.40 9.61
C GLY B 22 -26.37 9.01 9.04
N GLU B 23 -27.21 8.06 9.43
CA GLU B 23 -27.10 6.69 8.96
C GLU B 23 -27.61 6.57 7.51
N VAL B 24 -27.01 5.67 6.74
CA VAL B 24 -27.38 5.47 5.34
C VAL B 24 -27.56 3.98 5.03
N PHE B 25 -28.15 3.69 3.87
CA PHE B 25 -28.21 2.34 3.34
C PHE B 25 -27.07 2.14 2.37
N ALA B 26 -26.52 0.92 2.35
CA ALA B 26 -25.43 0.61 1.44
C ALA B 26 -25.64 -0.74 0.78
N ILE B 27 -25.05 -0.90 -0.39
CA ILE B 27 -25.12 -2.17 -1.11
C ILE B 27 -23.73 -2.79 -1.23
N CYS B 28 -23.64 -4.06 -0.87
CA CYS B 28 -22.38 -4.77 -0.91
C CYS B 28 -22.62 -6.13 -1.57
N GLY B 29 -21.68 -6.58 -2.39
CA GLY B 29 -21.89 -7.82 -3.15
C GLY B 29 -20.68 -8.48 -3.76
N SER B 30 -20.96 -9.45 -4.63
CA SER B 30 -19.96 -10.39 -5.15
C SER B 30 -19.10 -9.98 -6.36
N CYS B 31 -18.87 -8.69 -6.57
CA CYS B 31 -17.99 -8.23 -7.66
C CYS B 31 -17.21 -6.97 -7.29
N ASP B 32 -16.32 -6.54 -8.18
CA ASP B 32 -15.51 -5.33 -7.97
C ASP B 32 -16.36 -4.10 -7.71
N ALA B 33 -17.45 -3.97 -8.46
CA ALA B 33 -18.38 -2.84 -8.35
C ALA B 33 -19.09 -2.78 -7.00
N LEU B 34 -19.33 -3.94 -6.41
CA LEU B 34 -20.05 -4.01 -5.14
C LEU B 34 -19.13 -4.32 -3.96
N GLY B 35 -17.82 -4.26 -4.21
CA GLY B 35 -16.81 -4.38 -3.19
C GLY B 35 -16.35 -5.76 -2.76
N ASN B 36 -16.76 -6.79 -3.50
CA ASN B 36 -16.39 -8.19 -3.21
C ASN B 36 -16.66 -8.56 -1.74
N TRP B 37 -17.87 -8.24 -1.27
CA TRP B 37 -18.33 -8.50 0.10
C TRP B 37 -17.55 -7.79 1.21
N ASN B 38 -16.65 -6.87 0.83
CA ASN B 38 -15.90 -6.07 1.79
C ASN B 38 -16.75 -4.84 2.09
N PRO B 39 -17.25 -4.72 3.34
CA PRO B 39 -18.14 -3.60 3.69
C PRO B 39 -17.46 -2.23 3.52
N GLN B 40 -16.13 -2.20 3.66
CA GLN B 40 -15.35 -0.97 3.46
C GLN B 40 -15.39 -0.53 2.00
N ASN B 41 -15.72 -1.44 1.09
CA ASN B 41 -15.83 -1.10 -0.33
C ASN B 41 -17.28 -1.10 -0.83
N ALA B 42 -18.23 -1.14 0.11
CA ALA B 42 -19.64 -1.10 -0.23
C ALA B 42 -19.98 0.26 -0.83
N VAL B 43 -21.08 0.32 -1.58
CA VAL B 43 -21.50 1.56 -2.22
C VAL B 43 -22.67 2.14 -1.43
N ALA B 44 -22.50 3.36 -0.94
CA ALA B 44 -23.57 4.05 -0.20
C ALA B 44 -24.67 4.49 -1.15
N LEU B 45 -25.91 4.22 -0.75
CA LEU B 45 -27.06 4.68 -1.49
C LEU B 45 -27.27 6.16 -1.17
N LEU B 46 -27.89 6.87 -2.09
CA LEU B 46 -28.18 8.30 -1.94
C LEU B 46 -29.66 8.50 -1.68
N PRO B 47 -30.01 9.42 -0.76
CA PRO B 47 -31.43 9.72 -0.50
C PRO B 47 -32.05 10.43 -1.71
N GLU B 48 -33.15 9.87 -2.22
CA GLU B 48 -33.83 10.42 -3.39
C GLU B 48 -35.13 11.12 -3.01
N SER B 54 -35.01 11.20 3.26
CA SER B 54 -36.10 10.64 2.46
C SER B 54 -36.24 9.13 2.70
N LEU B 56 -36.97 6.76 0.25
CA LEU B 56 -36.37 6.02 -0.86
C LEU B 56 -34.88 6.34 -1.03
N TRP B 57 -34.06 5.28 -1.07
CA TRP B 57 -32.62 5.38 -1.25
C TRP B 57 -32.19 4.69 -2.54
N LYS B 58 -31.28 5.32 -3.28
CA LYS B 58 -30.86 4.80 -4.59
C LYS B 58 -29.37 4.91 -4.89
N ALA B 59 -28.85 3.90 -5.59
CA ALA B 59 -27.46 3.87 -6.04
C ALA B 59 -27.38 3.34 -7.48
N THR B 60 -26.70 4.09 -8.35
CA THR B 60 -26.52 3.68 -9.73
C THR B 60 -25.11 3.10 -9.94
N ILE B 61 -25.06 1.81 -10.27
CA ILE B 61 -23.81 1.06 -10.35
C ILE B 61 -23.67 0.33 -11.69
N VAL B 62 -22.47 0.38 -12.26
CA VAL B 62 -22.18 -0.29 -13.53
C VAL B 62 -21.68 -1.72 -13.29
N LEU B 63 -22.42 -2.68 -13.80
CA LEU B 63 -22.06 -4.10 -13.69
C LEU B 63 -21.77 -4.67 -15.09
N SER B 64 -21.24 -5.88 -15.14
CA SER B 64 -20.99 -6.55 -16.42
C SER B 64 -22.22 -7.32 -16.85
N ARG B 65 -22.65 -7.07 -18.08
CA ARG B 65 -23.82 -7.72 -18.68
C ARG B 65 -23.61 -9.23 -18.81
N GLY B 66 -24.62 -9.99 -18.40
CA GLY B 66 -24.60 -11.46 -18.50
C GLY B 66 -23.99 -12.19 -17.32
N VAL B 67 -23.37 -11.45 -16.41
CA VAL B 67 -22.69 -12.03 -15.26
C VAL B 67 -23.57 -12.02 -14.00
N SER B 68 -23.77 -13.21 -13.42
CA SER B 68 -24.54 -13.37 -12.19
C SER B 68 -23.81 -12.76 -10.98
N VAL B 69 -24.53 -11.90 -10.26
CA VAL B 69 -23.98 -11.20 -9.10
C VAL B 69 -24.92 -11.33 -7.89
N GLN B 70 -24.34 -11.67 -6.74
CA GLN B 70 -25.08 -11.77 -5.47
C GLN B 70 -24.83 -10.51 -4.63
N TYR B 71 -25.85 -10.05 -3.91
CA TYR B 71 -25.73 -8.81 -3.12
C TYR B 71 -26.69 -8.74 -1.93
N ARG B 72 -26.35 -7.90 -0.95
CA ARG B 72 -27.17 -7.64 0.23
C ARG B 72 -27.04 -6.17 0.60
N TYR B 73 -28.05 -5.64 1.31
CA TYR B 73 -28.01 -4.27 1.78
C TYR B 73 -27.66 -4.24 3.25
N PHE B 74 -26.98 -3.18 3.69
CA PHE B 74 -26.82 -2.94 5.10
C PHE B 74 -27.07 -1.48 5.42
N LYS B 75 -27.30 -1.20 6.71
CA LYS B 75 -27.41 0.16 7.19
C LYS B 75 -26.14 0.42 7.98
N GLY B 76 -25.62 1.63 7.86
CA GLY B 76 -24.41 1.99 8.55
C GLY B 76 -23.98 3.42 8.29
N TYR B 77 -22.72 3.69 8.62
CA TYR B 77 -22.16 5.05 8.53
C TYR B 77 -20.93 5.05 7.64
N PHE B 78 -20.88 6.04 6.76
CA PHE B 78 -19.74 6.28 5.89
C PHE B 78 -19.03 7.52 6.41
N LEU B 79 -17.84 7.30 6.96
CA LEU B 79 -17.11 8.35 7.66
C LEU B 79 -16.11 9.09 6.79
N GLU B 80 -15.97 10.38 7.07
CA GLU B 80 -14.96 11.20 6.42
C GLU B 80 -13.59 10.62 6.83
N PRO B 81 -12.56 10.73 5.95
CA PRO B 81 -11.23 10.25 6.31
C PRO B 81 -10.75 10.84 7.63
N LYS B 82 -10.10 10.00 8.44
CA LYS B 82 -9.55 10.42 9.73
C LYS B 82 -8.29 11.26 9.52
N THR B 83 -7.49 10.86 8.55
CA THR B 83 -6.29 11.59 8.14
C THR B 83 -6.57 12.19 6.76
N ILE B 84 -5.86 13.27 6.44
CA ILE B 84 -6.06 13.95 5.16
C ILE B 84 -5.84 13.02 3.97
N GLY B 85 -6.89 12.82 3.19
CA GLY B 85 -6.84 11.99 1.99
C GLY B 85 -7.01 10.50 2.23
N GLY B 86 -7.27 10.13 3.48
CA GLY B 86 -7.47 8.72 3.85
C GLY B 86 -8.73 8.13 3.24
N PRO B 87 -8.93 6.82 3.38
CA PRO B 87 -10.15 6.24 2.83
C PRO B 87 -11.35 6.54 3.73
N CYS B 88 -12.54 6.52 3.15
CA CYS B 88 -13.77 6.62 3.93
C CYS B 88 -13.89 5.34 4.73
N GLN B 89 -14.10 5.45 6.04
CA GLN B 89 -14.29 4.27 6.86
C GLN B 89 -15.77 3.96 6.93
N VAL B 90 -16.09 2.67 6.82
CA VAL B 90 -17.47 2.23 6.86
C VAL B 90 -17.72 1.51 8.18
N ILE B 91 -18.80 1.88 8.85
CA ILE B 91 -19.22 1.20 10.07
C ILE B 91 -20.56 0.54 9.82
N VAL B 92 -20.56 -0.79 9.84
CA VAL B 92 -21.78 -1.57 9.63
C VAL B 92 -22.56 -1.60 10.94
N HIS B 93 -23.80 -1.13 10.90
CA HIS B 93 -24.71 -1.20 12.03
C HIS B 93 -25.44 -2.54 11.95
N LYS B 94 -26.20 -2.76 10.88
CA LYS B 94 -26.93 -4.01 10.67
C LYS B 94 -27.10 -4.37 9.20
N TRP B 95 -26.92 -5.66 8.90
CA TRP B 95 -27.25 -6.19 7.58
C TRP B 95 -28.75 -6.46 7.58
N GLU B 96 -29.36 -6.47 6.38
CA GLU B 96 -30.76 -6.83 6.25
C GLU B 96 -30.95 -8.31 6.62
N THR B 97 -32.14 -8.64 7.13
CA THR B 97 -32.42 -10.00 7.57
C THR B 97 -33.01 -10.90 6.46
N HIS B 98 -32.85 -10.48 5.22
CA HIS B 98 -33.32 -11.22 4.05
C HIS B 98 -32.64 -12.59 3.97
N PRO B 101 -29.11 -14.34 0.39
CA PRO B 101 -28.77 -13.10 -0.30
C PRO B 101 -29.54 -12.92 -1.60
N ARG B 102 -29.53 -11.69 -2.13
CA ARG B 102 -30.23 -11.36 -3.37
C ARG B 102 -29.30 -11.61 -4.55
N SER B 103 -29.85 -11.75 -5.74
CA SER B 103 -29.05 -11.97 -6.93
C SER B 103 -29.63 -11.33 -8.20
N ILE B 104 -28.74 -10.95 -9.12
CA ILE B 104 -29.11 -10.32 -10.38
C ILE B 104 -28.16 -10.70 -11.51
N THR B 105 -28.73 -11.04 -12.66
CA THR B 105 -27.98 -11.30 -13.87
C THR B 105 -28.43 -10.29 -14.93
N PRO B 106 -27.75 -9.13 -15.00
CA PRO B 106 -28.07 -8.05 -15.94
C PRO B 106 -27.98 -8.50 -17.39
N LEU B 107 -29.02 -8.20 -18.17
CA LEU B 107 -29.10 -8.61 -19.58
C LEU B 107 -29.39 -7.45 -20.52
N GLU B 108 -29.41 -6.23 -19.98
CA GLU B 108 -29.65 -5.02 -20.78
C GLU B 108 -28.80 -3.83 -20.31
N SER B 109 -28.74 -2.80 -21.13
CA SER B 109 -27.92 -1.60 -20.86
C SER B 109 -28.33 -0.81 -19.62
N GLU B 110 -29.64 -0.70 -19.37
CA GLU B 110 -30.16 0.03 -18.20
C GLU B 110 -31.24 -0.76 -17.47
N ILE B 111 -31.07 -0.92 -16.16
CA ILE B 111 -32.01 -1.66 -15.32
C ILE B 111 -32.28 -0.93 -14.01
N ILE B 112 -33.53 -0.98 -13.55
CA ILE B 112 -33.94 -0.40 -12.28
C ILE B 112 -34.47 -1.49 -11.35
N ILE B 113 -33.79 -1.69 -10.23
CA ILE B 113 -34.15 -2.71 -9.24
C ILE B 113 -34.76 -2.09 -7.99
N ASP B 114 -36.00 -2.47 -7.68
CA ASP B 114 -36.68 -2.02 -6.47
C ASP B 114 -36.83 -3.22 -5.55
N ASP B 115 -36.03 -3.24 -4.49
CA ASP B 115 -36.06 -4.34 -3.53
C ASP B 115 -36.98 -4.09 -2.34
N GLY B 116 -37.87 -3.11 -2.48
CA GLY B 116 -38.90 -2.81 -1.50
C GLY B 116 -38.44 -2.20 -0.20
N GLN B 117 -38.74 -2.89 0.91
CA GLN B 117 -38.41 -2.42 2.25
C GLN B 117 -37.25 -3.20 2.85
N PHE B 118 -36.40 -2.51 3.60
CA PHE B 118 -35.23 -3.08 4.26
C PHE B 118 -35.65 -4.02 5.40
N GLY B 119 -35.18 -5.27 5.33
CA GLY B 119 -35.43 -6.25 6.37
C GLY B 119 -34.43 -6.09 7.51
N GLY C 1 1.56 34.77 10.86
CA GLY C 1 3.05 34.79 10.86
C GLY C 1 3.67 36.00 11.51
N SER C 2 3.04 36.50 12.58
CA SER C 2 3.51 37.67 13.32
C SER C 2 4.74 37.35 14.19
N SER C 3 4.83 38.01 15.35
CA SER C 3 5.90 37.81 16.37
C SER C 3 6.03 39.03 17.29
N SER C 5 1.64 41.45 19.14
CA SER C 5 0.72 41.70 20.23
C SER C 5 -0.73 41.50 19.80
N SER C 6 -1.02 41.77 18.53
CA SER C 6 -2.39 41.66 18.02
C SER C 6 -2.52 40.83 16.73
N GLY C 7 -1.39 40.35 16.21
CA GLY C 7 -1.41 39.61 14.96
C GLY C 7 -2.04 38.23 14.97
N PRO C 8 -1.87 37.50 13.85
CA PRO C 8 -2.36 36.13 13.75
C PRO C 8 -1.51 35.18 14.59
N SER C 9 -2.09 34.05 14.96
CA SER C 9 -1.38 33.03 15.70
C SER C 9 -1.80 31.67 15.15
N GLN C 10 -0.83 30.82 14.87
CA GLN C 10 -1.12 29.42 14.54
C GLN C 10 -1.21 28.66 15.86
N VAL C 11 -2.44 28.36 16.26
CA VAL C 11 -2.72 27.72 17.53
C VAL C 11 -3.03 26.23 17.34
N ALA C 12 -2.13 25.40 17.86
CA ALA C 12 -2.30 23.96 17.80
C ALA C 12 -2.95 23.45 19.08
N PHE C 13 -4.20 23.02 18.99
CA PHE C 13 -4.93 22.44 20.11
C PHE C 13 -4.68 20.94 20.12
N GLU C 14 -4.31 20.41 21.30
CA GLU C 14 -3.97 19.00 21.45
C GLU C 14 -4.70 18.34 22.63
N ILE C 15 -5.18 17.11 22.41
CA ILE C 15 -5.83 16.32 23.47
C ILE C 15 -5.55 14.82 23.23
N ARG C 16 -5.58 14.01 24.29
CA ARG C 16 -5.38 12.58 24.19
C ARG C 16 -6.62 11.84 24.69
N GLY C 17 -6.87 10.65 24.16
CA GLY C 17 -7.97 9.84 24.67
C GLY C 17 -8.30 8.64 23.82
N THR C 18 -9.06 7.71 24.41
CA THR C 18 -9.51 6.50 23.72
C THR C 18 -10.79 6.80 22.94
N LEU C 19 -10.88 6.20 21.76
CA LEU C 19 -12.02 6.40 20.88
C LEU C 19 -12.52 5.08 20.31
N LEU C 20 -13.80 5.07 19.96
CA LEU C 20 -14.39 3.90 19.31
C LEU C 20 -13.98 3.91 17.84
N PRO C 21 -14.11 2.77 17.15
CA PRO C 21 -13.77 2.75 15.72
C PRO C 21 -14.47 3.86 14.93
N GLY C 22 -13.69 4.61 14.15
CA GLY C 22 -14.22 5.68 13.31
C GLY C 22 -14.43 7.02 13.98
N GLU C 23 -14.48 7.04 15.31
CA GLU C 23 -14.66 8.28 16.05
C GLU C 23 -13.42 9.15 16.05
N VAL C 24 -13.64 10.46 16.09
CA VAL C 24 -12.57 11.44 16.16
C VAL C 24 -12.87 12.43 17.27
N PHE C 25 -11.83 13.14 17.71
CA PHE C 25 -11.99 14.29 18.60
C PHE C 25 -12.14 15.54 17.74
N ALA C 26 -12.87 16.51 18.24
CA ALA C 26 -13.11 17.76 17.55
C ALA C 26 -13.17 18.90 18.55
N ILE C 27 -12.94 20.10 18.04
CA ILE C 27 -13.01 21.31 18.84
C ILE C 27 -14.11 22.23 18.26
N CYS C 28 -14.88 22.82 19.16
CA CYS C 28 -16.01 23.65 18.81
C CYS C 28 -15.99 24.81 19.81
N GLY C 29 -16.15 26.05 19.32
CA GLY C 29 -16.01 27.22 20.19
C GLY C 29 -16.62 28.56 19.78
N SER C 30 -16.17 29.62 20.46
CA SER C 30 -16.86 30.91 20.45
C SER C 30 -16.59 31.88 19.29
N CYS C 31 -15.95 31.43 18.22
CA CYS C 31 -15.70 32.32 17.07
C CYS C 31 -15.85 31.58 15.75
N ASP C 32 -15.78 32.31 14.64
CA ASP C 32 -15.94 31.75 13.29
C ASP C 32 -15.05 30.54 13.03
N ALA C 33 -13.77 30.67 13.39
CA ALA C 33 -12.77 29.62 13.19
C ALA C 33 -13.08 28.37 14.01
N LEU C 34 -13.79 28.56 15.11
CA LEU C 34 -14.17 27.46 16.01
C LEU C 34 -15.60 26.95 15.79
N GLY C 35 -16.29 27.55 14.81
CA GLY C 35 -17.63 27.11 14.45
C GLY C 35 -18.81 27.75 15.18
N ASN C 36 -18.54 28.76 16.00
CA ASN C 36 -19.60 29.46 16.74
C ASN C 36 -20.54 28.52 17.49
N TRP C 37 -19.94 27.57 18.22
CA TRP C 37 -20.69 26.59 19.02
C TRP C 37 -21.64 25.68 18.21
N ASN C 38 -21.44 25.60 16.90
CA ASN C 38 -22.23 24.70 16.06
C ASN C 38 -21.38 23.49 15.67
N PRO C 39 -21.69 22.30 16.26
CA PRO C 39 -20.93 21.09 15.96
C PRO C 39 -20.78 20.77 14.47
N GLN C 40 -21.76 21.18 13.65
CA GLN C 40 -21.66 21.00 12.20
C GLN C 40 -20.46 21.75 11.61
N ASN C 41 -20.05 22.82 12.30
CA ASN C 41 -18.91 23.63 11.88
C ASN C 41 -17.69 23.47 12.78
N ALA C 42 -17.68 22.42 13.59
CA ALA C 42 -16.56 22.16 14.47
C ALA C 42 -15.34 21.71 13.67
N VAL C 43 -14.16 21.79 14.29
CA VAL C 43 -12.93 21.37 13.63
C VAL C 43 -12.49 20.00 14.14
N ALA C 44 -12.41 19.03 13.25
CA ALA C 44 -11.96 17.69 13.60
C ALA C 44 -10.47 17.69 13.84
N LEU C 45 -10.04 17.09 14.95
CA LEU C 45 -8.61 16.92 15.22
C LEU C 45 -8.09 15.77 14.36
N LEU C 46 -6.78 15.79 14.11
CA LEU C 46 -6.11 14.74 13.35
C LEU C 46 -5.19 13.96 14.27
N PRO C 47 -5.18 12.62 14.14
CA PRO C 47 -4.32 11.79 14.98
C PRO C 47 -2.85 12.00 14.67
N GLU C 48 -2.10 12.51 15.65
CA GLU C 48 -0.67 12.77 15.52
C GLU C 48 0.00 11.45 15.93
N ASN C 49 0.76 10.87 15.01
CA ASN C 49 1.30 9.52 15.20
C ASN C 49 2.51 9.40 16.13
N ASP C 50 2.33 8.58 17.17
CA ASP C 50 3.36 8.33 18.18
C ASP C 50 3.76 6.85 18.18
N LEU C 56 -2.10 11.00 20.63
CA LEU C 56 -2.38 12.42 20.57
C LEU C 56 -3.18 12.84 19.32
N TRP C 57 -4.12 13.75 19.52
CA TRP C 57 -4.92 14.32 18.45
C TRP C 57 -4.66 15.81 18.41
N LYS C 58 -4.54 16.37 17.21
CA LYS C 58 -4.23 17.79 17.06
C LYS C 58 -4.94 18.50 15.88
N ALA C 59 -5.29 19.76 16.13
CA ALA C 59 -5.79 20.66 15.08
C ALA C 59 -5.10 22.02 15.23
N THR C 60 -4.58 22.54 14.12
CA THR C 60 -3.96 23.86 14.12
C THR C 60 -4.92 24.85 13.45
N ILE C 61 -5.20 25.94 14.15
CA ILE C 61 -6.18 26.94 13.72
C ILE C 61 -5.57 28.35 13.83
N VAL C 62 -5.84 29.20 12.85
CA VAL C 62 -5.32 30.58 12.88
C VAL C 62 -6.32 31.46 13.65
N LEU C 63 -5.85 31.98 14.78
CA LEU C 63 -6.65 32.81 15.70
C LEU C 63 -5.96 34.16 15.95
N SER C 64 -6.68 35.13 16.50
CA SER C 64 -6.06 36.45 16.78
C SER C 64 -5.40 36.44 18.15
N ARG C 65 -4.19 36.98 18.23
CA ARG C 65 -3.47 37.13 19.49
C ARG C 65 -4.13 38.22 20.34
N GLY C 66 -4.06 38.05 21.66
CA GLY C 66 -4.57 39.05 22.60
C GLY C 66 -6.08 38.98 22.78
N VAL C 67 -6.72 38.05 22.08
CA VAL C 67 -8.18 37.90 22.11
C VAL C 67 -8.54 36.53 22.69
N SER C 68 -9.38 36.54 23.73
CA SER C 68 -9.82 35.33 24.40
C SER C 68 -10.83 34.55 23.56
N VAL C 69 -10.65 33.24 23.45
CA VAL C 69 -11.65 32.38 22.83
C VAL C 69 -12.03 31.26 23.79
N GLN C 70 -13.32 30.91 23.79
CA GLN C 70 -13.80 29.82 24.63
C GLN C 70 -14.11 28.64 23.72
N TYR C 71 -13.91 27.42 24.23
CA TYR C 71 -14.11 26.24 23.40
C TYR C 71 -14.35 24.98 24.23
N ARG C 72 -14.78 23.93 23.54
CA ARG C 72 -14.96 22.62 24.15
C ARG C 72 -14.49 21.57 23.17
N TYR C 73 -14.14 20.40 23.69
CA TYR C 73 -13.86 19.24 22.88
C TYR C 73 -15.07 18.34 22.92
N PHE C 74 -15.27 17.59 21.83
CA PHE C 74 -16.25 16.50 21.82
C PHE C 74 -15.70 15.33 21.01
N LYS C 75 -16.24 14.14 21.25
CA LYS C 75 -15.95 13.00 20.40
C LYS C 75 -17.22 12.67 19.61
N GLY C 76 -17.05 12.27 18.36
CA GLY C 76 -18.18 11.92 17.52
C GLY C 76 -17.78 11.50 16.12
N TYR C 77 -18.76 11.51 15.23
CA TYR C 77 -18.55 11.10 13.85
C TYR C 77 -18.67 12.29 12.91
N PHE C 78 -17.76 12.36 11.95
CA PHE C 78 -17.83 13.30 10.83
C PHE C 78 -18.16 12.43 9.61
N LEU C 79 -19.39 12.57 9.12
CA LEU C 79 -19.88 11.71 8.05
C LEU C 79 -19.65 12.31 6.68
N GLU C 80 -19.54 11.44 5.68
CA GLU C 80 -19.44 11.84 4.29
C GLU C 80 -20.75 12.52 3.89
N PRO C 81 -20.69 13.55 3.03
CA PRO C 81 -21.94 14.14 2.56
C PRO C 81 -22.80 13.07 1.90
N LYS C 82 -24.02 12.90 2.40
CA LYS C 82 -24.91 11.86 1.86
C LYS C 82 -25.43 12.20 0.45
N THR C 83 -25.38 13.49 0.12
CA THR C 83 -25.73 13.98 -1.20
C THR C 83 -24.48 14.59 -1.81
N ILE C 84 -24.25 14.34 -3.10
CA ILE C 84 -23.08 14.86 -3.80
C ILE C 84 -22.98 16.38 -3.65
N GLY C 85 -21.81 16.86 -3.25
CA GLY C 85 -21.57 18.29 -3.04
C GLY C 85 -22.08 18.82 -1.71
N GLY C 86 -22.86 18.01 -1.01
CA GLY C 86 -23.45 18.38 0.28
C GLY C 86 -22.46 18.61 1.40
N PRO C 87 -22.98 18.94 2.60
CA PRO C 87 -22.10 19.19 3.74
C PRO C 87 -21.82 17.90 4.53
N CYS C 88 -20.67 17.86 5.19
CA CYS C 88 -20.34 16.77 6.10
C CYS C 88 -21.26 16.87 7.32
N GLN C 89 -21.95 15.78 7.66
CA GLN C 89 -22.81 15.81 8.83
C GLN C 89 -22.00 15.35 10.05
N VAL C 90 -22.13 16.09 11.15
CA VAL C 90 -21.42 15.78 12.39
C VAL C 90 -22.41 15.28 13.43
N ILE C 91 -22.08 14.14 14.05
CA ILE C 91 -22.87 13.58 15.14
C ILE C 91 -21.99 13.56 16.39
N VAL C 92 -22.35 14.37 17.38
CA VAL C 92 -21.65 14.39 18.65
C VAL C 92 -22.05 13.16 19.46
N HIS C 93 -21.06 12.45 20.00
CA HIS C 93 -21.34 11.35 20.91
C HIS C 93 -21.14 11.73 22.37
N LYS C 94 -20.14 12.56 22.64
CA LYS C 94 -19.88 13.02 24.00
C LYS C 94 -19.06 14.29 24.02
N TRP C 95 -19.60 15.32 24.67
CA TRP C 95 -18.84 16.54 24.95
C TRP C 95 -17.92 16.16 26.11
N GLU C 96 -16.72 16.71 26.11
CA GLU C 96 -15.79 16.46 27.20
C GLU C 96 -16.46 16.75 28.54
N THR C 97 -16.16 15.89 29.53
CA THR C 97 -16.66 16.03 30.90
C THR C 97 -15.81 17.07 31.62
N HIS C 98 -16.00 18.33 31.24
CA HIS C 98 -15.30 19.49 31.77
C HIS C 98 -16.38 20.56 31.68
N LEU C 99 -16.97 20.91 32.82
CA LEU C 99 -18.18 21.76 32.84
C LEU C 99 -18.02 23.18 32.29
N GLN C 100 -16.95 23.84 32.72
CA GLN C 100 -16.63 25.18 32.22
C GLN C 100 -16.04 25.12 30.82
N PRO C 101 -16.46 26.04 29.92
CA PRO C 101 -15.78 26.06 28.65
C PRO C 101 -14.30 26.34 28.88
N ARG C 102 -13.44 25.69 28.10
CA ARG C 102 -12.01 26.00 28.13
C ARG C 102 -11.83 27.37 27.48
N SER C 103 -10.78 28.09 27.89
CA SER C 103 -10.57 29.43 27.36
C SER C 103 -9.08 29.75 27.31
N ILE C 104 -8.63 30.24 26.16
CA ILE C 104 -7.23 30.63 25.95
C ILE C 104 -7.09 31.96 25.23
N THR C 105 -5.95 32.60 25.43
CA THR C 105 -5.59 33.84 24.76
C THR C 105 -4.23 33.58 24.12
N PRO C 106 -4.16 33.50 22.77
CA PRO C 106 -2.88 33.30 22.10
C PRO C 106 -1.98 34.52 22.35
N LEU C 107 -0.73 34.26 22.71
CA LEU C 107 0.19 35.35 23.06
C LEU C 107 1.45 35.36 22.20
N GLU C 108 1.55 34.41 21.28
CA GLU C 108 2.68 34.30 20.37
C GLU C 108 2.17 33.95 18.98
N SER C 109 3.06 34.02 17.98
CA SER C 109 2.70 33.74 16.59
C SER C 109 2.40 32.26 16.32
N GLU C 110 2.99 31.38 17.12
CA GLU C 110 2.76 29.93 17.02
C GLU C 110 2.74 29.37 18.43
N ILE C 111 1.63 28.76 18.82
CA ILE C 111 1.52 28.14 20.14
C ILE C 111 0.91 26.74 20.09
N ILE C 112 1.27 25.94 21.09
CA ILE C 112 0.70 24.62 21.28
C ILE C 112 -0.08 24.65 22.59
N ILE C 113 -1.39 24.39 22.49
CA ILE C 113 -2.26 24.27 23.65
C ILE C 113 -2.43 22.77 23.89
N ASP C 114 -1.75 22.26 24.91
CA ASP C 114 -1.83 20.86 25.25
C ASP C 114 -2.82 20.71 26.41
N ASP C 115 -4.02 20.27 26.07
CA ASP C 115 -5.09 20.13 27.06
C ASP C 115 -5.10 18.78 27.77
N GLY C 116 -4.06 17.99 27.53
CA GLY C 116 -3.84 16.72 28.26
C GLY C 116 -4.70 15.55 27.82
N GLN C 117 -5.55 15.08 28.74
CA GLN C 117 -6.43 13.94 28.51
C GLN C 117 -7.90 14.34 28.46
N PHE C 118 -8.62 13.81 27.47
CA PHE C 118 -10.05 14.05 27.29
C PHE C 118 -10.81 13.35 28.41
N GLY C 119 -10.44 12.09 28.66
CA GLY C 119 -11.07 11.22 29.63
C GLY C 119 -11.00 11.65 31.09
N ILE C 120 -11.42 10.72 31.95
CA ILE C 120 -11.63 10.90 33.40
C ILE C 120 -13.04 11.48 33.57
N HIS C 121 -13.99 10.56 33.70
CA HIS C 121 -15.44 10.84 33.73
C HIS C 121 -15.91 11.25 32.34
N GLY D 4 30.98 -30.24 23.96
CA GLY D 4 29.82 -30.61 24.82
C GLY D 4 28.62 -31.10 24.03
N SER D 5 27.76 -30.17 23.61
CA SER D 5 26.58 -30.53 22.82
C SER D 5 26.93 -30.69 21.35
N SER D 6 26.07 -31.41 20.64
CA SER D 6 26.28 -31.69 19.22
C SER D 6 25.04 -31.45 18.35
N GLY D 7 23.95 -31.04 19.00
CA GLY D 7 22.67 -30.83 18.32
C GLY D 7 22.57 -29.65 17.37
N PRO D 8 21.34 -29.32 16.95
CA PRO D 8 21.09 -28.20 16.04
C PRO D 8 21.19 -26.84 16.73
N SER D 9 21.53 -25.83 15.94
CA SER D 9 21.61 -24.46 16.42
C SER D 9 21.03 -23.54 15.36
N GLN D 10 20.13 -22.65 15.78
CA GLN D 10 19.64 -21.59 14.89
C GLN D 10 20.65 -20.45 14.98
N VAL D 11 21.48 -20.32 13.95
CA VAL D 11 22.55 -19.34 13.94
C VAL D 11 22.18 -18.12 13.08
N ALA D 12 22.02 -16.98 13.74
CA ALA D 12 21.72 -15.72 13.03
C ALA D 12 23.00 -14.97 12.73
N PHE D 13 23.36 -14.92 11.45
CA PHE D 13 24.52 -14.15 10.98
C PHE D 13 24.07 -12.74 10.64
N GLU D 14 24.76 -11.74 11.20
CA GLU D 14 24.40 -10.33 11.01
C GLU D 14 25.59 -9.47 10.56
N ILE D 15 25.34 -8.55 9.63
CA ILE D 15 26.36 -7.61 9.13
C ILE D 15 25.70 -6.27 8.75
N ARG D 16 26.48 -5.19 8.76
CA ARG D 16 25.99 -3.87 8.37
C ARG D 16 26.82 -3.31 7.22
N GLY D 17 26.19 -2.49 6.38
CA GLY D 17 26.91 -1.83 5.30
C GLY D 17 26.02 -1.08 4.33
N THR D 18 26.63 -0.21 3.54
CA THR D 18 25.90 0.52 2.52
C THR D 18 25.87 -0.31 1.24
N LEU D 19 24.73 -0.25 0.55
CA LEU D 19 24.53 -1.01 -0.69
C LEU D 19 23.94 -0.16 -1.79
N LEU D 20 24.23 -0.53 -3.03
CA LEU D 20 23.65 0.14 -4.19
C LEU D 20 22.21 -0.36 -4.36
N PRO D 21 21.37 0.37 -5.13
CA PRO D 21 19.99 -0.08 -5.29
C PRO D 21 19.87 -1.52 -5.78
N GLY D 22 19.04 -2.30 -5.08
CA GLY D 22 18.79 -3.69 -5.46
C GLY D 22 19.79 -4.72 -4.97
N GLU D 23 20.94 -4.23 -4.51
CA GLU D 23 22.00 -5.10 -4.02
CA GLU D 23 22.01 -5.11 -4.00
C GLU D 23 21.63 -5.63 -2.64
N VAL D 24 22.15 -6.81 -2.30
CA VAL D 24 21.93 -7.43 -1.00
C VAL D 24 23.26 -7.98 -0.51
N PHE D 25 23.34 -8.25 0.79
CA PHE D 25 24.43 -9.03 1.36
C PHE D 25 24.01 -10.50 1.37
N ALA D 26 25.00 -11.37 1.27
CA ALA D 26 24.78 -12.80 1.26
C ALA D 26 25.94 -13.47 1.98
N ILE D 27 25.70 -14.69 2.45
CA ILE D 27 26.72 -15.48 3.12
C ILE D 27 26.93 -16.78 2.31
N CYS D 28 28.19 -17.18 2.19
CA CYS D 28 28.58 -18.34 1.38
C CYS D 28 29.68 -19.03 2.17
N GLY D 29 29.61 -20.36 2.31
CA GLY D 29 30.54 -21.06 3.20
C GLY D 29 30.81 -22.54 2.98
N SER D 30 31.44 -23.15 3.97
CA SER D 30 32.07 -24.47 3.83
C SER D 30 31.16 -25.71 3.98
N CYS D 31 29.85 -25.53 4.08
CA CYS D 31 28.95 -26.69 4.21
C CYS D 31 27.70 -26.55 3.33
N ASP D 32 26.87 -27.60 3.28
CA ASP D 32 25.65 -27.62 2.48
C ASP D 32 24.74 -26.41 2.73
N ALA D 33 24.50 -26.10 4.00
CA ALA D 33 23.63 -24.97 4.38
C ALA D 33 24.20 -23.61 3.97
N LEU D 34 25.51 -23.54 3.77
CA LEU D 34 26.18 -22.30 3.36
C LEU D 34 26.53 -22.29 1.86
N GLY D 35 26.10 -23.32 1.15
CA GLY D 35 26.28 -23.40 -0.29
C GLY D 35 27.58 -24.00 -0.81
N ASN D 36 28.42 -24.55 0.08
CA ASN D 36 29.70 -25.16 -0.34
C ASN D 36 30.54 -24.26 -1.26
N TRP D 37 30.67 -23.00 -0.86
CA TRP D 37 31.46 -22.01 -1.58
C TRP D 37 30.98 -21.71 -3.00
N ASN D 38 29.74 -22.07 -3.33
CA ASN D 38 29.14 -21.74 -4.62
C ASN D 38 28.16 -20.58 -4.43
N PRO D 39 28.51 -19.37 -4.94
CA PRO D 39 27.64 -18.20 -4.81
C PRO D 39 26.21 -18.42 -5.29
N GLN D 40 26.02 -19.32 -6.25
CA GLN D 40 24.68 -19.64 -6.73
C GLN D 40 23.81 -20.22 -5.62
N ASN D 41 24.46 -20.86 -4.66
CA ASN D 41 23.79 -21.48 -3.52
C ASN D 41 23.99 -20.72 -2.21
N ALA D 42 24.45 -19.46 -2.32
CA ALA D 42 24.65 -18.62 -1.15
C ALA D 42 23.32 -18.25 -0.51
N VAL D 43 23.37 -17.83 0.74
CA VAL D 43 22.15 -17.44 1.45
C VAL D 43 22.09 -15.92 1.50
N ALA D 44 21.06 -15.34 0.89
CA ALA D 44 20.87 -13.90 0.91
C ALA D 44 20.40 -13.47 2.30
N LEU D 45 21.02 -12.42 2.84
CA LEU D 45 20.58 -11.86 4.10
C LEU D 45 19.36 -10.99 3.84
N LEU D 46 18.55 -10.78 4.88
CA LEU D 46 17.35 -9.96 4.81
C LEU D 46 17.55 -8.67 5.61
N PRO D 47 17.08 -7.53 5.07
CA PRO D 47 17.20 -6.25 5.78
C PRO D 47 16.27 -6.18 6.99
N GLU D 48 16.79 -5.65 8.10
CA GLU D 48 16.02 -5.49 9.32
C GLU D 48 16.16 -4.06 9.82
N ASN D 49 15.05 -3.47 10.25
CA ASN D 49 15.05 -2.07 10.72
C ASN D 49 15.60 -1.88 12.14
N ASP D 50 16.78 -2.44 12.38
CA ASP D 50 17.44 -2.36 13.70
C ASP D 50 18.95 -2.14 13.55
N THR D 51 19.70 -2.39 14.63
CA THR D 51 21.17 -2.33 14.62
C THR D 51 21.74 -3.12 15.81
N GLY D 52 21.02 -4.17 16.22
CA GLY D 52 21.39 -5.03 17.36
C GLY D 52 22.86 -5.09 17.73
N SER D 54 22.97 1.71 12.05
CA SER D 54 21.69 1.59 11.37
C SER D 54 21.73 0.61 10.20
N LEU D 56 20.56 -3.08 9.45
CA LEU D 56 21.19 -4.36 9.69
C LEU D 56 20.67 -5.42 8.71
N TRP D 57 21.53 -6.35 8.35
CA TRP D 57 21.17 -7.45 7.46
C TRP D 57 21.37 -8.75 8.23
N LYS D 58 20.41 -9.66 8.12
CA LYS D 58 20.45 -10.92 8.87
C LYS D 58 19.92 -12.14 8.10
N ALA D 59 20.58 -13.28 8.32
CA ALA D 59 20.12 -14.58 7.85
C ALA D 59 20.26 -15.60 8.99
N THR D 60 19.19 -16.34 9.24
CA THR D 60 19.21 -17.38 10.25
C THR D 60 19.29 -18.74 9.57
N ILE D 61 20.29 -19.52 9.97
CA ILE D 61 20.56 -20.83 9.36
CA ILE D 61 20.57 -20.82 9.37
C ILE D 61 20.74 -21.90 10.44
N VAL D 62 20.21 -23.09 10.18
CA VAL D 62 20.33 -24.22 11.11
CA VAL D 62 20.35 -24.20 11.12
C VAL D 62 21.64 -24.96 10.85
N LEU D 63 22.54 -24.92 11.83
CA LEU D 63 23.88 -25.53 11.75
C LEU D 63 24.10 -26.50 12.92
N SER D 64 25.15 -27.33 12.86
CA SER D 64 25.44 -28.25 13.96
C SER D 64 26.33 -27.61 15.02
N ARG D 65 25.97 -27.79 16.29
CA ARG D 65 26.77 -27.33 17.41
C ARG D 65 28.07 -28.13 17.50
N GLY D 66 29.15 -27.48 17.93
CA GLY D 66 30.43 -28.15 18.15
C GLY D 66 31.26 -28.39 16.89
N VAL D 67 30.71 -27.96 15.75
CA VAL D 67 31.35 -28.12 14.44
C VAL D 67 31.68 -26.75 13.87
N SER D 68 32.94 -26.51 13.52
CA SER D 68 33.32 -25.21 12.98
C SER D 68 32.95 -25.13 11.51
N VAL D 69 32.43 -23.97 11.10
CA VAL D 69 32.15 -23.70 9.70
C VAL D 69 32.90 -22.44 9.28
N GLN D 70 33.37 -22.41 8.04
CA GLN D 70 34.06 -21.24 7.52
C GLN D 70 33.12 -20.57 6.51
N TYR D 71 33.21 -19.26 6.38
CA TYR D 71 32.30 -18.52 5.53
C TYR D 71 32.81 -17.15 5.14
N ARG D 72 32.15 -16.56 4.15
CA ARG D 72 32.44 -15.20 3.70
CA ARG D 72 32.44 -15.21 3.69
C ARG D 72 31.15 -14.47 3.39
N TYR D 73 31.19 -13.15 3.46
CA TYR D 73 30.08 -12.33 3.04
C TYR D 73 30.43 -11.78 1.66
N PHE D 74 29.41 -11.54 0.84
CA PHE D 74 29.58 -10.78 -0.39
C PHE D 74 28.35 -9.90 -0.62
N LYS D 75 28.50 -8.88 -1.44
CA LYS D 75 27.36 -8.10 -1.91
C LYS D 75 27.19 -8.40 -3.40
N GLY D 76 25.94 -8.46 -3.84
CA GLY D 76 25.62 -8.76 -5.23
C GLY D 76 24.14 -8.76 -5.49
N TYR D 77 23.77 -9.30 -6.66
CA TYR D 77 22.39 -9.38 -7.10
C TYR D 77 21.92 -10.83 -7.09
N PHE D 78 20.71 -11.04 -6.60
CA PHE D 78 20.01 -12.33 -6.70
C PHE D 78 18.91 -12.08 -7.71
N LEU D 79 19.06 -12.65 -8.90
CA LEU D 79 18.15 -12.39 -9.99
C LEU D 79 16.99 -13.35 -10.03
N GLU D 80 15.86 -12.88 -10.56
CA GLU D 80 14.67 -13.68 -10.77
C GLU D 80 15.02 -14.73 -11.83
N PRO D 81 14.46 -15.96 -11.73
CA PRO D 81 14.70 -16.98 -12.76
C PRO D 81 14.33 -16.48 -14.16
N LYS D 82 15.23 -16.72 -15.13
CA LYS D 82 14.99 -16.31 -16.51
C LYS D 82 13.90 -17.13 -17.20
N THR D 83 13.90 -18.43 -16.93
CA THR D 83 12.86 -19.31 -17.45
C THR D 83 12.00 -19.80 -16.29
N ILE D 84 10.73 -20.12 -16.58
CA ILE D 84 9.80 -20.60 -15.57
C ILE D 84 10.33 -21.86 -14.90
N GLY D 85 10.40 -21.85 -13.56
CA GLY D 85 10.90 -22.98 -12.80
C GLY D 85 12.41 -22.97 -12.66
N GLY D 86 13.07 -22.02 -13.32
CA GLY D 86 14.52 -21.90 -13.32
C GLY D 86 15.15 -21.53 -11.98
N PRO D 87 16.49 -21.61 -11.90
CA PRO D 87 17.17 -21.23 -10.67
C PRO D 87 17.37 -19.72 -10.59
N CYS D 88 17.46 -19.19 -9.38
CA CYS D 88 17.81 -17.79 -9.19
C CYS D 88 19.30 -17.64 -9.54
N GLN D 89 19.63 -16.68 -10.40
CA GLN D 89 21.02 -16.46 -10.75
C GLN D 89 21.64 -15.42 -9.81
N VAL D 90 22.84 -15.71 -9.33
CA VAL D 90 23.52 -14.84 -8.38
C VAL D 90 24.76 -14.21 -9.04
N ILE D 91 24.86 -12.89 -8.95
CA ILE D 91 26.02 -12.17 -9.46
C ILE D 91 26.74 -11.50 -8.30
N VAL D 92 27.94 -11.97 -7.99
CA VAL D 92 28.75 -11.37 -6.95
C VAL D 92 29.32 -10.05 -7.47
N HIS D 93 29.15 -8.98 -6.69
CA HIS D 93 29.78 -7.70 -7.04
C HIS D 93 31.04 -7.47 -6.23
N LYS D 94 31.04 -7.87 -4.96
CA LYS D 94 32.24 -7.73 -4.12
C LYS D 94 32.23 -8.69 -2.91
N TRP D 95 33.28 -9.51 -2.80
CA TRP D 95 33.48 -10.31 -1.60
C TRP D 95 33.99 -9.35 -0.54
N GLU D 96 33.60 -9.58 0.71
CA GLU D 96 34.05 -8.75 1.81
C GLU D 96 35.58 -8.66 1.81
N THR D 97 36.11 -7.46 2.07
CA THR D 97 37.54 -7.23 2.16
C THR D 97 38.03 -7.70 3.52
N HIS D 98 38.04 -9.02 3.69
CA HIS D 98 38.48 -9.69 4.89
C HIS D 98 39.12 -10.94 4.32
N LEU D 99 40.45 -10.94 4.29
CA LEU D 99 41.22 -11.97 3.58
C LEU D 99 41.01 -13.41 4.02
N GLN D 100 41.06 -13.65 5.32
CA GLN D 100 40.83 -14.98 5.87
C GLN D 100 39.34 -15.31 5.96
N PRO D 101 38.96 -16.55 5.60
CA PRO D 101 37.56 -16.89 5.79
C PRO D 101 37.18 -16.71 7.25
N ARG D 102 35.98 -16.20 7.50
CA ARG D 102 35.46 -16.14 8.87
C ARG D 102 35.16 -17.55 9.34
N SER D 103 35.19 -17.79 10.64
CA SER D 103 34.97 -19.12 11.15
C SER D 103 34.32 -19.07 12.53
N ILE D 104 33.23 -19.82 12.67
CA ILE D 104 32.51 -19.94 13.95
C ILE D 104 32.12 -21.38 14.29
N THR D 105 31.99 -21.64 15.59
CA THR D 105 31.52 -22.92 16.10
C THR D 105 30.30 -22.60 16.98
N PRO D 106 29.09 -22.98 16.54
CA PRO D 106 27.89 -22.74 17.36
C PRO D 106 28.00 -23.52 18.67
N LEU D 107 27.69 -22.86 19.77
CA LEU D 107 27.85 -23.49 21.09
C LEU D 107 26.56 -23.56 21.88
N GLU D 108 25.49 -23.01 21.32
CA GLU D 108 24.17 -23.00 21.97
C GLU D 108 23.09 -23.30 20.92
N SER D 109 21.86 -23.57 21.38
CA SER D 109 20.76 -23.88 20.46
C SER D 109 20.32 -22.70 19.60
N GLU D 110 20.60 -21.48 20.05
CA GLU D 110 20.24 -20.25 19.34
C GLU D 110 21.36 -19.25 19.59
N ILE D 111 22.00 -18.77 18.53
CA ILE D 111 23.05 -17.78 18.66
C ILE D 111 22.97 -16.68 17.62
N ILE D 112 23.48 -15.51 17.99
CA ILE D 112 23.63 -14.38 17.08
C ILE D 112 25.13 -14.16 16.88
N ILE D 113 25.54 -14.22 15.61
CA ILE D 113 26.90 -13.89 15.21
C ILE D 113 26.82 -12.50 14.58
N ASP D 114 27.22 -11.49 15.34
CA ASP D 114 27.19 -10.11 14.88
C ASP D 114 28.57 -9.78 14.35
N ASP D 115 28.72 -9.84 13.02
CA ASP D 115 30.00 -9.60 12.38
C ASP D 115 30.34 -8.13 12.13
N GLY D 116 29.47 -7.24 12.63
CA GLY D 116 29.71 -5.80 12.60
C GLY D 116 29.46 -5.09 11.27
N GLN D 117 30.52 -4.55 10.69
CA GLN D 117 30.45 -3.79 9.44
C GLN D 117 31.16 -4.55 8.33
N PHE D 118 30.51 -4.58 7.16
CA PHE D 118 31.05 -5.20 5.95
C PHE D 118 32.29 -4.40 5.53
N GLY D 119 32.11 -3.09 5.41
CA GLY D 119 33.17 -2.17 5.00
C GLY D 119 34.18 -1.80 6.06
N ILE D 120 35.30 -1.27 5.62
CA ILE D 120 36.41 -0.86 6.48
C ILE D 120 36.19 0.59 6.92
N PRO E 8 -9.51 -9.37 -26.83
CA PRO E 8 -8.29 -9.94 -26.26
C PRO E 8 -7.33 -10.43 -27.34
N SER E 9 -6.18 -9.77 -27.46
CA SER E 9 -5.17 -10.12 -28.45
C SER E 9 -3.87 -10.54 -27.79
N GLN E 10 -3.47 -11.79 -28.03
CA GLN E 10 -2.23 -12.33 -27.47
C GLN E 10 -1.06 -11.99 -28.38
N VAL E 11 -0.22 -11.06 -27.94
CA VAL E 11 0.88 -10.56 -28.76
C VAL E 11 2.25 -11.02 -28.24
N ALA E 12 3.01 -11.67 -29.12
CA ALA E 12 4.36 -12.12 -28.81
C ALA E 12 5.38 -11.13 -29.36
N PHE E 13 5.99 -10.36 -28.47
CA PHE E 13 7.01 -9.38 -28.85
C PHE E 13 8.38 -10.04 -28.82
N GLU E 14 9.18 -9.81 -29.86
CA GLU E 14 10.50 -10.44 -30.00
C GLU E 14 11.60 -9.46 -30.38
N ILE E 15 12.78 -9.67 -29.80
CA ILE E 15 13.97 -8.87 -30.09
C ILE E 15 15.25 -9.66 -29.80
N ARG E 16 16.34 -9.28 -30.46
CA ARG E 16 17.65 -9.91 -30.31
C ARG E 16 18.69 -8.88 -29.86
N GLY E 17 19.75 -9.35 -29.23
CA GLY E 17 20.83 -8.45 -28.79
C GLY E 17 21.80 -9.06 -27.80
N THR E 18 22.92 -8.36 -27.60
CA THR E 18 23.97 -8.79 -26.67
C THR E 18 23.63 -8.32 -25.26
N LEU E 19 23.93 -9.16 -24.27
CA LEU E 19 23.62 -8.87 -22.87
C LEU E 19 24.75 -9.26 -21.92
N LEU E 20 24.81 -8.58 -20.78
CA LEU E 20 25.77 -8.88 -19.72
C LEU E 20 25.28 -10.10 -18.92
N PRO E 21 26.16 -10.71 -18.10
CA PRO E 21 25.70 -11.84 -17.27
C PRO E 21 24.49 -11.46 -16.42
N GLY E 22 23.44 -12.27 -16.51
CA GLY E 22 22.22 -12.08 -15.74
C GLY E 22 21.26 -11.00 -16.24
N GLU E 23 21.71 -10.22 -17.23
CA GLU E 23 20.90 -9.15 -17.81
C GLU E 23 19.86 -9.72 -18.77
N VAL E 24 18.71 -9.05 -18.85
CA VAL E 24 17.62 -9.47 -19.73
C VAL E 24 17.07 -8.27 -20.51
N PHE E 25 16.29 -8.56 -21.55
CA PHE E 25 15.55 -7.52 -22.25
C PHE E 25 14.15 -7.44 -21.64
N ALA E 26 13.56 -6.25 -21.68
CA ALA E 26 12.23 -6.05 -21.13
C ALA E 26 11.42 -5.14 -22.04
N ILE E 27 10.09 -5.27 -21.96
CA ILE E 27 9.19 -4.42 -22.72
C ILE E 27 8.37 -3.56 -21.76
N CYS E 28 8.30 -2.27 -22.06
CA CYS E 28 7.57 -1.34 -21.23
C CYS E 28 6.82 -0.36 -22.13
N GLY E 29 5.57 -0.07 -21.80
CA GLY E 29 4.73 0.75 -22.67
C GLY E 29 3.49 1.38 -22.06
N SER E 30 2.63 1.90 -22.94
CA SER E 30 1.49 2.74 -22.56
C SER E 30 0.16 2.08 -22.18
N CYS E 31 0.20 0.92 -21.53
CA CYS E 31 -1.02 0.31 -20.99
C CYS E 31 -0.73 -0.49 -19.72
N ASP E 32 -1.78 -1.01 -19.08
CA ASP E 32 -1.65 -1.80 -17.85
C ASP E 32 -0.74 -3.02 -18.02
N ALA E 33 -0.89 -3.72 -19.14
CA ALA E 33 -0.11 -4.92 -19.45
C ALA E 33 1.38 -4.62 -19.66
N LEU E 34 1.68 -3.42 -20.13
CA LEU E 34 3.07 -3.01 -20.36
C LEU E 34 3.62 -2.11 -19.24
N GLY E 35 2.80 -1.95 -18.20
CA GLY E 35 3.20 -1.23 -16.99
C GLY E 35 3.06 0.28 -16.98
N ASN E 36 2.35 0.84 -17.97
CA ASN E 36 2.16 2.29 -18.08
C ASN E 36 3.46 3.09 -17.93
N TRP E 37 4.47 2.69 -18.70
CA TRP E 37 5.79 3.33 -18.72
C TRP E 37 6.58 3.27 -17.39
N ASN E 38 6.07 2.53 -16.41
CA ASN E 38 6.76 2.31 -15.14
C ASN E 38 7.70 1.12 -15.34
N PRO E 39 9.03 1.38 -15.37
CA PRO E 39 9.98 0.27 -15.55
C PRO E 39 9.86 -0.84 -14.50
N GLN E 40 9.38 -0.51 -13.31
CA GLN E 40 9.15 -1.49 -12.24
C GLN E 40 8.04 -2.47 -12.62
N ASN E 41 7.14 -2.05 -13.51
CA ASN E 41 6.05 -2.90 -13.97
C ASN E 41 6.25 -3.43 -15.40
N ALA E 42 7.49 -3.33 -15.90
CA ALA E 42 7.82 -3.79 -17.22
C ALA E 42 7.77 -5.32 -17.27
N VAL E 43 7.70 -5.86 -18.47
CA VAL E 43 7.63 -7.31 -18.65
C VAL E 43 8.96 -7.82 -19.17
N ALA E 44 9.59 -8.72 -18.42
CA ALA E 44 10.85 -9.33 -18.85
C ALA E 44 10.60 -10.32 -19.97
N LEU E 45 11.42 -10.24 -21.01
CA LEU E 45 11.39 -11.21 -22.10
C LEU E 45 12.11 -12.48 -21.62
N LEU E 46 11.77 -13.61 -22.23
CA LEU E 46 12.37 -14.90 -21.88
C LEU E 46 13.30 -15.37 -22.99
N PRO E 47 14.42 -16.04 -22.61
CA PRO E 47 15.31 -16.61 -23.62
C PRO E 47 14.62 -17.78 -24.33
N GLU E 48 14.56 -17.72 -25.66
CA GLU E 48 13.91 -18.75 -26.46
C GLU E 48 14.73 -19.05 -27.73
N ASN E 49 14.75 -20.32 -28.12
CA ASN E 49 15.51 -20.74 -29.30
C ASN E 49 14.64 -20.87 -30.56
N SER E 54 22.07 -11.57 -31.35
CA SER E 54 22.83 -12.64 -30.70
C SER E 54 21.93 -13.85 -30.42
N LEU E 56 17.53 -14.91 -29.45
CA LEU E 56 16.14 -14.46 -29.50
C LEU E 56 15.49 -14.42 -28.12
N TRP E 57 14.84 -13.30 -27.82
CA TRP E 57 14.11 -13.10 -26.58
C TRP E 57 12.64 -12.82 -26.90
N LYS E 58 11.73 -13.39 -26.11
CA LYS E 58 10.30 -13.22 -26.37
C LYS E 58 9.42 -13.10 -25.11
N ALA E 59 8.32 -12.37 -25.27
CA ALA E 59 7.33 -12.19 -24.22
C ALA E 59 5.94 -12.20 -24.84
N THR E 60 5.08 -13.09 -24.36
CA THR E 60 3.70 -13.17 -24.83
C THR E 60 2.79 -12.40 -23.87
N ILE E 61 2.15 -11.35 -24.38
CA ILE E 61 1.36 -10.43 -23.58
C ILE E 61 -0.03 -10.20 -24.19
N VAL E 62 -1.05 -10.25 -23.33
CA VAL E 62 -2.43 -10.02 -23.76
C VAL E 62 -2.74 -8.52 -23.76
N LEU E 63 -3.08 -8.00 -24.93
CA LEU E 63 -3.41 -6.58 -25.10
C LEU E 63 -4.89 -6.42 -25.49
N SER E 64 -5.36 -5.17 -25.49
CA SER E 64 -6.75 -4.88 -25.85
C SER E 64 -6.93 -4.72 -27.36
N ARG E 65 -8.03 -5.25 -27.86
CA ARG E 65 -8.40 -5.19 -29.29
C ARG E 65 -8.67 -3.78 -29.80
N GLY E 66 -7.98 -3.42 -30.87
CA GLY E 66 -8.17 -2.13 -31.55
C GLY E 66 -7.66 -0.90 -30.83
N VAL E 67 -6.88 -1.11 -29.76
CA VAL E 67 -6.33 -0.01 -28.98
C VAL E 67 -4.86 0.24 -29.33
N SER E 68 -4.55 1.49 -29.68
CA SER E 68 -3.19 1.89 -30.00
C SER E 68 -2.31 1.90 -28.76
N VAL E 69 -1.18 1.21 -28.84
CA VAL E 69 -0.25 1.09 -27.72
C VAL E 69 1.17 1.45 -28.16
N GLN E 70 1.81 2.34 -27.40
CA GLN E 70 3.21 2.70 -27.64
C GLN E 70 4.10 1.93 -26.65
N TYR E 71 5.30 1.55 -27.10
CA TYR E 71 6.21 0.76 -26.27
C TYR E 71 7.67 0.92 -26.68
N ARG E 72 8.57 0.56 -25.76
CA ARG E 72 10.01 0.55 -26.00
C ARG E 72 10.60 -0.63 -25.23
N TYR E 73 11.78 -1.05 -25.67
CA TYR E 73 12.49 -2.12 -24.99
C TYR E 73 13.64 -1.53 -24.19
N PHE E 74 13.94 -2.16 -23.06
CA PHE E 74 15.16 -1.84 -22.35
C PHE E 74 15.89 -3.10 -21.94
N LYS E 75 17.16 -2.95 -21.59
CA LYS E 75 17.89 -4.04 -21.00
C LYS E 75 18.17 -3.68 -19.55
N GLY E 76 18.01 -4.66 -18.68
CA GLY E 76 18.24 -4.43 -17.26
C GLY E 76 18.19 -5.70 -16.46
N TYR E 77 17.94 -5.55 -15.17
CA TYR E 77 17.95 -6.67 -14.23
C TYR E 77 16.64 -6.75 -13.46
N PHE E 78 16.09 -7.95 -13.39
CA PHE E 78 14.89 -8.25 -12.61
C PHE E 78 15.32 -9.00 -11.37
N LEU E 79 15.25 -8.33 -10.23
CA LEU E 79 15.78 -8.86 -8.99
C LEU E 79 14.76 -9.57 -8.13
N GLU E 80 15.23 -10.60 -7.44
CA GLU E 80 14.42 -11.33 -6.47
C GLU E 80 14.03 -10.34 -5.36
N PRO E 81 12.85 -10.54 -4.74
CA PRO E 81 12.44 -9.70 -3.61
C PRO E 81 13.52 -9.61 -2.53
N LYS E 82 13.73 -8.40 -2.01
CA LYS E 82 14.73 -8.14 -0.98
C LYS E 82 14.25 -8.70 0.36
N THR E 83 12.94 -8.55 0.60
CA THR E 83 12.29 -9.13 1.75
C THR E 83 11.28 -10.11 1.18
N ILE E 84 11.13 -11.27 1.81
CA ILE E 84 10.29 -12.34 1.27
C ILE E 84 8.84 -11.89 0.98
N GLY E 85 8.40 -12.16 -0.24
CA GLY E 85 7.08 -11.76 -0.70
C GLY E 85 7.04 -10.38 -1.32
N GLY E 86 8.15 -9.63 -1.21
CA GLY E 86 8.24 -8.29 -1.77
C GLY E 86 8.17 -8.27 -3.28
N PRO E 87 8.11 -7.05 -3.88
CA PRO E 87 8.06 -7.00 -5.33
C PRO E 87 9.44 -7.24 -5.94
N CYS E 88 9.47 -7.69 -7.19
CA CYS E 88 10.71 -7.80 -7.94
C CYS E 88 11.16 -6.37 -8.25
N GLN E 89 12.39 -6.03 -7.88
CA GLN E 89 12.92 -4.72 -8.21
C GLN E 89 13.55 -4.77 -9.60
N VAL E 90 13.26 -3.76 -10.40
CA VAL E 90 13.82 -3.66 -11.74
C VAL E 90 14.91 -2.59 -11.77
N ILE E 91 16.04 -2.96 -12.37
CA ILE E 91 17.12 -2.01 -12.57
C ILE E 91 17.33 -1.83 -14.07
N VAL E 92 17.04 -0.61 -14.54
CA VAL E 92 17.20 -0.28 -15.94
C VAL E 92 18.67 0.04 -16.19
N HIS E 93 19.28 -0.70 -17.10
CA HIS E 93 20.64 -0.43 -17.52
C HIS E 93 20.56 0.59 -18.68
N LYS E 94 19.90 0.19 -19.77
CA LYS E 94 19.78 1.06 -20.95
C LYS E 94 18.48 0.83 -21.72
N TRP E 95 17.85 1.92 -22.11
CA TRP E 95 16.73 1.87 -23.03
C TRP E 95 17.29 1.76 -24.44
N GLU E 96 16.51 1.21 -25.36
CA GLU E 96 16.94 1.16 -26.77
C GLU E 96 17.03 2.58 -27.34
N THR E 97 17.99 2.78 -28.23
CA THR E 97 18.24 4.10 -28.85
C THR E 97 17.36 4.37 -30.07
N HIS E 98 16.26 3.63 -30.20
CA HIS E 98 15.30 3.80 -31.29
C HIS E 98 14.61 5.16 -31.22
N PRO E 101 8.95 6.47 -30.34
CA PRO E 101 9.01 5.09 -29.88
C PRO E 101 8.31 4.13 -30.85
N ARG E 102 8.05 2.90 -30.39
CA ARG E 102 7.39 1.88 -31.21
C ARG E 102 5.90 1.88 -30.90
N SER E 103 5.09 1.46 -31.87
CA SER E 103 3.63 1.42 -31.69
C SER E 103 2.96 0.21 -32.33
N ILE E 104 1.85 -0.22 -31.73
CA ILE E 104 1.07 -1.36 -32.20
C ILE E 104 -0.44 -1.20 -31.95
N THR E 105 -1.23 -1.53 -32.98
CA THR E 105 -2.68 -1.54 -32.86
C THR E 105 -3.18 -2.94 -33.25
N PRO E 106 -3.31 -3.83 -32.24
CA PRO E 106 -3.77 -5.21 -32.45
C PRO E 106 -5.18 -5.33 -33.03
N LEU E 107 -5.28 -5.99 -34.18
CA LEU E 107 -6.55 -6.21 -34.87
C LEU E 107 -6.70 -7.69 -35.23
N GLU E 108 -5.93 -8.53 -34.55
CA GLU E 108 -5.93 -9.97 -34.76
C GLU E 108 -5.93 -10.70 -33.40
N SER E 109 -6.34 -11.96 -33.40
CA SER E 109 -6.41 -12.77 -32.19
C SER E 109 -5.01 -13.05 -31.61
N GLU E 110 -4.11 -13.51 -32.47
CA GLU E 110 -2.71 -13.79 -32.09
C GLU E 110 -1.76 -13.10 -33.06
N ILE E 111 -0.81 -12.34 -32.51
CA ILE E 111 0.16 -11.58 -33.31
C ILE E 111 1.59 -11.84 -32.84
N ILE E 112 2.51 -11.93 -33.80
CA ILE E 112 3.94 -12.09 -33.50
C ILE E 112 4.71 -10.90 -34.06
N ILE E 113 5.29 -10.12 -33.15
CA ILE E 113 6.05 -8.93 -33.51
C ILE E 113 7.55 -9.16 -33.37
N ASP E 114 8.27 -9.06 -34.49
CA ASP E 114 9.72 -9.19 -34.49
C ASP E 114 10.32 -7.81 -34.77
N ASP E 115 10.87 -7.21 -33.71
CA ASP E 115 11.43 -5.87 -33.81
C ASP E 115 12.94 -5.84 -34.12
N GLY E 116 13.43 -6.97 -34.62
CA GLY E 116 14.82 -7.09 -35.07
C GLY E 116 15.88 -7.09 -33.99
N GLN E 117 16.80 -6.13 -34.07
CA GLN E 117 17.93 -6.01 -33.15
C GLN E 117 17.79 -4.81 -32.24
N PHE E 118 18.20 -4.98 -30.98
CA PHE E 118 18.18 -3.94 -29.97
C PHE E 118 19.27 -2.89 -30.23
N GLY E 119 18.88 -1.62 -30.19
CA GLY E 119 19.80 -0.51 -30.49
C GLY E 119 21.01 -0.39 -29.58
N PRO F 8 -8.13 -34.81 10.49
CA PRO F 8 -7.99 -33.42 10.07
C PRO F 8 -8.83 -32.44 10.90
N SER F 9 -8.34 -31.20 11.00
CA SER F 9 -9.04 -30.14 11.71
C SER F 9 -9.38 -29.03 10.73
N GLN F 10 -10.65 -28.65 10.69
CA GLN F 10 -11.11 -27.54 9.86
C GLN F 10 -10.95 -26.30 10.72
N VAL F 11 -9.99 -25.45 10.38
CA VAL F 11 -9.66 -24.30 11.20
C VAL F 11 -9.99 -22.97 10.52
N ALA F 12 -10.78 -22.15 11.21
CA ALA F 12 -11.09 -20.81 10.74
C ALA F 12 -10.17 -19.83 11.47
N PHE F 13 -9.34 -19.14 10.70
CA PHE F 13 -8.43 -18.12 11.21
C PHE F 13 -9.05 -16.75 10.92
N GLU F 14 -9.09 -15.88 11.93
CA GLU F 14 -9.72 -14.56 11.79
C GLU F 14 -8.82 -13.44 12.26
N ILE F 15 -8.85 -12.33 11.52
CA ILE F 15 -8.08 -11.14 11.82
C ILE F 15 -8.84 -9.90 11.30
N ARG F 16 -8.59 -8.76 11.94
CA ARG F 16 -9.23 -7.49 11.59
C ARG F 16 -8.21 -6.41 11.28
N GLY F 17 -8.58 -5.47 10.41
CA GLY F 17 -7.72 -4.34 10.09
C GLY F 17 -8.09 -3.63 8.80
N THR F 18 -7.36 -2.56 8.50
CA THR F 18 -7.61 -1.75 7.33
C THR F 18 -6.76 -2.24 6.15
N LEU F 19 -7.21 -1.92 4.94
CA LEU F 19 -6.52 -2.33 3.72
C LEU F 19 -6.55 -1.22 2.70
N LEU F 20 -5.55 -1.21 1.83
CA LEU F 20 -5.47 -0.26 0.73
C LEU F 20 -6.30 -0.80 -0.44
N PRO F 21 -6.64 0.05 -1.43
CA PRO F 21 -7.39 -0.46 -2.59
C PRO F 21 -6.70 -1.64 -3.28
N GLY F 22 -7.45 -2.71 -3.52
CA GLY F 22 -6.91 -3.93 -4.13
C GLY F 22 -6.14 -4.86 -3.20
N GLU F 23 -5.99 -4.43 -1.94
CA GLU F 23 -5.24 -5.21 -0.95
C GLU F 23 -6.15 -6.12 -0.14
N VAL F 24 -5.63 -7.28 0.25
CA VAL F 24 -6.38 -8.25 1.05
C VAL F 24 -5.51 -8.75 2.21
N PHE F 25 -6.14 -9.45 3.15
CA PHE F 25 -5.40 -10.16 4.19
C PHE F 25 -5.09 -11.57 3.69
N ALA F 26 -3.95 -12.09 4.11
CA ALA F 26 -3.52 -13.44 3.77
C ALA F 26 -2.85 -14.09 4.96
N ILE F 27 -2.90 -15.42 5.00
CA ILE F 27 -2.24 -16.20 6.06
C ILE F 27 -1.18 -17.07 5.41
N CYS F 28 -0.01 -17.11 6.02
CA CYS F 28 1.11 -17.87 5.48
C CYS F 28 1.81 -18.54 6.64
N GLY F 29 2.27 -19.78 6.43
CA GLY F 29 2.83 -20.56 7.53
C GLY F 29 3.63 -21.81 7.20
N SER F 30 3.96 -22.54 8.26
CA SER F 30 4.91 -23.66 8.25
C SER F 30 4.52 -25.00 7.61
N CYS F 31 3.35 -25.07 6.98
CA CYS F 31 2.91 -26.34 6.38
C CYS F 31 2.44 -26.13 4.94
N ASP F 32 2.13 -27.22 4.23
CA ASP F 32 1.65 -27.17 2.85
C ASP F 32 0.41 -26.30 2.68
N ALA F 33 -0.58 -26.51 3.54
CA ALA F 33 -1.85 -25.80 3.48
C ALA F 33 -1.69 -24.29 3.64
N LEU F 34 -0.61 -23.87 4.29
CA LEU F 34 -0.32 -22.45 4.50
C LEU F 34 0.83 -21.94 3.63
N GLY F 35 1.28 -22.78 2.70
CA GLY F 35 2.29 -22.38 1.72
C GLY F 35 3.75 -22.47 2.09
N ASN F 36 4.07 -23.12 3.20
CA ASN F 36 5.47 -23.31 3.64
C ASN F 36 6.31 -22.03 3.70
N TRP F 37 5.75 -20.98 4.30
CA TRP F 37 6.39 -19.66 4.43
C TRP F 37 6.65 -18.92 3.10
N ASN F 38 6.12 -19.47 2.01
CA ASN F 38 6.19 -18.85 0.68
C ASN F 38 4.89 -18.07 0.38
N PRO F 39 4.95 -16.73 0.39
CA PRO F 39 3.76 -15.91 0.16
C PRO F 39 3.05 -16.23 -1.15
N GLN F 40 3.79 -16.75 -2.14
CA GLN F 40 3.20 -17.12 -3.42
C GLN F 40 2.12 -18.19 -3.27
N ASN F 41 2.30 -19.06 -2.27
CA ASN F 41 1.35 -20.13 -1.97
C ASN F 41 0.52 -19.88 -0.71
N ALA F 42 0.48 -18.64 -0.26
CA ALA F 42 -0.30 -18.25 0.92
C ALA F 42 -1.80 -18.30 0.61
N VAL F 43 -2.61 -18.29 1.66
CA VAL F 43 -4.05 -18.33 1.49
C VAL F 43 -4.64 -16.95 1.73
N ALA F 44 -5.34 -16.42 0.72
CA ALA F 44 -6.03 -15.15 0.85
C ALA F 44 -7.27 -15.32 1.72
N LEU F 45 -7.43 -14.43 2.69
CA LEU F 45 -8.65 -14.40 3.50
C LEU F 45 -9.78 -13.72 2.73
N LEU F 46 -11.01 -13.90 3.20
CA LEU F 46 -12.18 -13.25 2.61
C LEU F 46 -12.90 -12.47 3.72
N PRO F 47 -13.63 -11.40 3.34
CA PRO F 47 -14.39 -10.66 4.36
C PRO F 47 -15.41 -11.57 5.06
N GLU F 48 -15.51 -11.44 6.38
CA GLU F 48 -16.49 -12.20 7.15
C GLU F 48 -17.57 -11.26 7.67
N ASN F 49 -18.79 -11.46 7.17
CA ASN F 49 -19.93 -10.62 7.50
C ASN F 49 -20.98 -11.29 8.39
N ASP F 50 -20.75 -12.53 8.81
CA ASP F 50 -21.75 -13.28 9.58
C ASP F 50 -22.00 -12.78 11.02
N THR F 51 -21.11 -11.92 11.53
CA THR F 51 -21.29 -11.33 12.86
C THR F 51 -21.54 -9.81 12.84
N GLY F 52 -21.65 -9.26 11.63
CA GLY F 52 -21.94 -7.84 11.45
C GLY F 52 -20.78 -6.91 11.77
N GLU F 53 -19.57 -7.45 11.77
CA GLU F 53 -18.38 -6.63 12.00
C GLU F 53 -18.04 -5.85 10.73
N SER F 54 -17.28 -4.77 10.90
CA SER F 54 -16.94 -3.89 9.78
C SER F 54 -15.64 -4.23 9.05
N LEU F 56 -13.68 -7.51 9.55
CA LEU F 56 -13.28 -8.88 9.84
C LEU F 56 -13.02 -9.70 8.58
N TRP F 57 -11.91 -10.42 8.57
CA TRP F 57 -11.53 -11.31 7.48
C TRP F 57 -11.30 -12.72 8.01
N LYS F 58 -11.60 -13.72 7.19
CA LYS F 58 -11.49 -15.12 7.59
CA LYS F 58 -11.46 -15.13 7.60
C LYS F 58 -10.97 -16.04 6.48
N ALA F 59 -10.25 -17.09 6.87
CA ALA F 59 -9.79 -18.14 5.98
C ALA F 59 -10.01 -19.46 6.70
N THR F 60 -10.68 -20.39 6.03
CA THR F 60 -10.88 -21.73 6.57
C THR F 60 -9.88 -22.67 5.92
N ILE F 61 -9.12 -23.35 6.77
CA ILE F 61 -8.00 -24.19 6.33
C ILE F 61 -8.01 -25.54 7.03
N VAL F 62 -7.79 -26.60 6.25
CA VAL F 62 -7.75 -27.95 6.79
C VAL F 62 -6.31 -28.24 7.21
N LEU F 63 -6.14 -28.54 8.50
CA LEU F 63 -4.82 -28.87 9.07
C LEU F 63 -4.86 -30.26 9.67
N SER F 64 -3.69 -30.87 9.85
CA SER F 64 -3.61 -32.18 10.48
C SER F 64 -3.71 -32.06 12.00
N ARG F 65 -4.54 -32.90 12.61
CA ARG F 65 -4.65 -32.95 14.06
C ARG F 65 -3.33 -33.33 14.72
N GLY F 66 -3.00 -32.66 15.81
CA GLY F 66 -1.81 -32.98 16.60
C GLY F 66 -0.50 -32.48 16.01
N VAL F 67 -0.58 -31.81 14.87
CA VAL F 67 0.63 -31.27 14.24
C VAL F 67 0.73 -29.77 14.49
N SER F 68 1.82 -29.35 15.13
CA SER F 68 2.05 -27.95 15.44
C SER F 68 2.42 -27.17 14.17
N VAL F 69 1.74 -26.04 13.99
CA VAL F 69 1.90 -25.18 12.81
C VAL F 69 2.12 -23.74 13.26
N GLN F 70 3.13 -23.09 12.67
CA GLN F 70 3.40 -21.67 12.92
C GLN F 70 2.92 -20.88 11.71
N TYR F 71 2.43 -19.66 11.95
CA TYR F 71 1.85 -18.86 10.88
C TYR F 71 1.91 -17.36 11.17
N ARG F 72 1.74 -16.57 10.12
CA ARG F 72 1.72 -15.13 10.23
C ARG F 72 0.75 -14.57 9.19
N TYR F 73 0.06 -13.49 9.55
CA TYR F 73 -0.80 -12.79 8.60
C TYR F 73 0.03 -11.74 7.85
N PHE F 74 -0.40 -11.44 6.63
CA PHE F 74 0.15 -10.28 5.93
C PHE F 74 -0.94 -9.59 5.11
N LYS F 75 -0.67 -8.32 4.82
CA LYS F 75 -1.50 -7.48 3.94
C LYS F 75 -0.73 -7.50 2.63
N GLY F 76 -1.41 -7.83 1.54
CA GLY F 76 -0.76 -7.88 0.25
C GLY F 76 -1.68 -7.96 -0.94
N TYR F 77 -1.07 -8.22 -2.10
CA TYR F 77 -1.77 -8.22 -3.36
C TYR F 77 -1.68 -9.56 -4.07
N PHE F 78 -2.83 -10.04 -4.53
CA PHE F 78 -2.91 -11.28 -5.32
C PHE F 78 -3.25 -10.87 -6.75
N LEU F 79 -2.24 -10.90 -7.61
CA LEU F 79 -2.35 -10.42 -8.99
C LEU F 79 -2.24 -11.53 -10.03
N GLU F 80 -2.76 -11.28 -11.22
CA GLU F 80 -2.71 -12.22 -12.34
C GLU F 80 -1.30 -12.27 -12.94
N PRO F 81 -0.93 -13.40 -13.60
CA PRO F 81 0.37 -13.50 -14.27
C PRO F 81 0.56 -12.40 -15.31
N LYS F 82 1.80 -11.95 -15.48
CA LYS F 82 2.15 -10.89 -16.44
CA LYS F 82 2.05 -10.89 -16.46
C LYS F 82 2.33 -11.40 -17.87
N THR F 83 2.41 -12.73 -18.00
CA THR F 83 2.56 -13.40 -19.29
C THR F 83 1.62 -14.61 -19.36
N CYS F 88 0.91 -16.60 -11.54
CA CYS F 88 0.41 -15.62 -10.59
C CYS F 88 1.54 -14.95 -9.81
N GLN F 89 1.23 -13.81 -9.19
CA GLN F 89 2.19 -13.11 -8.35
C GLN F 89 1.50 -12.59 -7.09
N VAL F 90 2.16 -12.84 -5.96
CA VAL F 90 1.67 -12.38 -4.67
C VAL F 90 2.72 -11.41 -4.15
N ILE F 91 2.29 -10.19 -3.87
CA ILE F 91 3.18 -9.16 -3.36
C ILE F 91 2.75 -8.80 -1.94
N VAL F 92 3.65 -9.04 -0.99
CA VAL F 92 3.42 -8.68 0.39
C VAL F 92 3.72 -7.20 0.59
N HIS F 93 2.76 -6.47 1.15
CA HIS F 93 2.99 -5.08 1.51
C HIS F 93 3.60 -5.04 2.90
N LYS F 94 2.93 -5.70 3.86
CA LYS F 94 3.33 -5.64 5.24
C LYS F 94 3.00 -6.93 5.99
N TRP F 95 4.00 -7.53 6.62
CA TRP F 95 3.79 -8.68 7.50
C TRP F 95 3.43 -8.13 8.88
N GLU F 96 2.81 -8.96 9.70
CA GLU F 96 2.58 -8.59 11.09
C GLU F 96 3.92 -8.39 11.78
N THR F 97 4.03 -7.30 12.54
CA THR F 97 5.23 -7.00 13.33
C THR F 97 5.03 -7.53 14.74
N HIS F 98 4.07 -8.47 14.84
CA HIS F 98 3.76 -9.23 16.04
C HIS F 98 4.96 -10.13 16.33
N LEU F 99 5.88 -9.65 17.16
CA LEU F 99 7.08 -10.40 17.53
C LEU F 99 6.72 -11.85 17.82
N GLN F 100 7.48 -12.76 17.21
CA GLN F 100 7.24 -14.22 17.27
C GLN F 100 6.02 -14.61 16.43
N PRO F 101 6.21 -15.55 15.49
CA PRO F 101 5.07 -16.04 14.69
C PRO F 101 4.01 -16.68 15.59
N ARG F 102 2.78 -16.69 15.10
CA ARG F 102 1.67 -17.32 15.81
C ARG F 102 1.78 -18.83 15.65
N SER F 103 1.11 -19.58 16.51
CA SER F 103 1.20 -21.04 16.47
C SER F 103 -0.08 -21.72 16.94
N ILE F 104 -0.35 -22.89 16.36
CA ILE F 104 -1.52 -23.69 16.71
C ILE F 104 -1.18 -25.18 16.63
N THR F 105 -1.68 -25.94 17.60
CA THR F 105 -1.62 -27.39 17.56
C THR F 105 -3.08 -27.86 17.63
N PRO F 106 -3.71 -28.07 16.46
CA PRO F 106 -5.12 -28.43 16.38
C PRO F 106 -5.42 -29.81 16.95
N LEU F 107 -6.46 -29.89 17.78
CA LEU F 107 -6.83 -31.14 18.42
C LEU F 107 -8.29 -31.53 18.17
N GLU F 108 -9.13 -30.53 17.95
CA GLU F 108 -10.56 -30.72 17.70
C GLU F 108 -10.88 -30.70 16.20
N SER F 109 -12.04 -31.26 15.85
CA SER F 109 -12.53 -31.35 14.48
C SER F 109 -12.77 -29.99 13.85
N GLU F 110 -13.38 -29.10 14.63
CA GLU F 110 -13.69 -27.74 14.20
C GLU F 110 -13.05 -26.78 15.19
N ILE F 111 -12.37 -25.77 14.67
CA ILE F 111 -11.72 -24.76 15.50
C ILE F 111 -11.88 -23.38 14.87
N ILE F 112 -12.14 -22.38 15.73
CA ILE F 112 -12.16 -21.00 15.28
C ILE F 112 -11.07 -20.28 16.05
N ILE F 113 -10.12 -19.71 15.31
CA ILE F 113 -9.03 -18.94 15.90
C ILE F 113 -9.25 -17.47 15.59
N ASP F 114 -9.72 -16.73 16.59
CA ASP F 114 -9.89 -15.29 16.46
C ASP F 114 -8.61 -14.61 16.92
N ASP F 115 -7.77 -14.20 15.98
CA ASP F 115 -6.50 -13.57 16.30
C ASP F 115 -6.55 -12.06 16.57
N GLY F 116 -7.76 -11.51 16.63
CA GLY F 116 -7.97 -10.11 17.01
C GLY F 116 -7.64 -9.09 15.94
N GLN F 117 -6.66 -8.23 16.23
CA GLN F 117 -6.23 -7.15 15.33
C GLN F 117 -4.88 -7.44 14.70
N PHE F 118 -4.77 -7.13 13.41
CA PHE F 118 -3.54 -7.35 12.65
C PHE F 118 -2.34 -6.66 13.30
#